data_5L8Y
#
_entry.id   5L8Y
#
_cell.length_a   112.820
_cell.length_b   115.940
_cell.length_c   68.510
_cell.angle_alpha   90.00
_cell.angle_beta   107.43
_cell.angle_gamma   90.00
#
_symmetry.space_group_name_H-M   'C 1 2 1'
#
loop_
_entity.id
_entity.type
_entity.pdbx_description
1 polymer Phosphodiesterase
2 non-polymer 'ZINC ION'
3 non-polymer 'MAGNESIUM ION'
4 non-polymer 'FORMIC ACID'
5 non-polymer GUANIDINE
6 non-polymer GLYCEROL
7 non-polymer 2-[(4-{5-[(4aR,8aS)-3-cycloheptyl-4-oxo-3,4,4a,5,8,8a-hexahydrophthalazin-1-yl]-2-methoxyphenyl}phenyl)formamido]-N-(2-hydroxyethyl)acetamide
8 water water
#
_entity_poly.entity_id   1
_entity_poly.type   'polypeptide(L)'
_entity_poly.pdbx_seq_one_letter_code
;GSHMASELNEHRATLFNKNVPSRAVKRVTAITKVEREAVLVCELPSFDVTDVEFDLFRARESTDKPLDVAAAIAYRLLLG
SGLPQKFGCSDEVLLNFILQCRKKYRNVPYHNFYHVVDVCQTIHTFLYRGNVYEKLTELECFVLLITALVHDLDHMGLNN
SFYLKTESPLGILSSASGNTSVLEVHHCNLAVEILSDPESDVFDGLEGAERTLAFRSMIDCVLATDMAKHGSALEAFLAS
AADQSSDEAAFHRMTMEIILKAGDISNVTKPFDISRQWAMAVTEEFYRQGDMEKERGVEVLPMFDRSKNMELAKGQIGFI
DFVAAPFFQKIVDACLQGMQWTVDRIKSNRAQWERVLETR
;
_entity_poly.pdbx_strand_id   A,B
#
loop_
_chem_comp.id
_chem_comp.type
_chem_comp.name
_chem_comp.formula
CVA non-polymer 2-[(4-{5-[(4aR,8aS)-3-cycloheptyl-4-oxo-3,4,4a,5,8,8a-hexahydrophthalazin-1-yl]-2-methoxyphenyl}phenyl)formamido]-N-(2-hydroxyethyl)acetamide 'C33 H40 N4 O5'
FMT non-polymer 'FORMIC ACID' 'C H2 O2'
GAI non-polymer GUANIDINE 'C H5 N3'
GOL non-polymer GLYCEROL 'C3 H8 O3'
MG non-polymer 'MAGNESIUM ION' 'Mg 2'
ZN non-polymer 'ZINC ION' 'Zn 2'
#
# COMPACT_ATOMS: atom_id res chain seq x y z
N VAL A 28 13.45 39.82 -15.83
CA VAL A 28 13.33 39.33 -14.42
C VAL A 28 14.67 39.51 -13.68
N THR A 29 14.60 39.55 -12.35
CA THR A 29 15.76 39.75 -11.48
C THR A 29 16.69 38.55 -11.45
N ALA A 30 18.00 38.79 -11.49
CA ALA A 30 19.00 37.71 -11.47
C ALA A 30 18.99 36.98 -10.16
N ILE A 31 19.44 35.72 -10.21
CA ILE A 31 19.55 34.87 -9.04
C ILE A 31 20.90 35.14 -8.41
N THR A 32 20.92 35.23 -7.09
CA THR A 32 22.15 35.56 -6.35
C THR A 32 22.86 34.29 -5.94
N LYS A 33 24.18 34.42 -5.71
CA LYS A 33 25.00 33.33 -5.19
C LYS A 33 24.50 32.84 -3.82
N VAL A 34 23.86 33.72 -3.06
CA VAL A 34 23.32 33.36 -1.75
C VAL A 34 22.11 32.44 -1.92
N GLU A 35 21.24 32.76 -2.90
CA GLU A 35 20.07 31.93 -3.21
C GLU A 35 20.52 30.54 -3.65
N ARG A 36 21.41 30.48 -4.64
CA ARG A 36 22.01 29.21 -5.08
C ARG A 36 22.59 28.37 -3.93
N GLU A 37 23.36 29.02 -3.06
CA GLU A 37 23.99 28.32 -1.93
C GLU A 37 22.99 27.76 -0.93
N ALA A 38 21.88 28.47 -0.71
CA ALA A 38 20.83 27.99 0.20
C ALA A 38 20.23 26.65 -0.26
N VAL A 39 20.21 26.43 -1.58
CA VAL A 39 19.77 25.17 -2.17
C VAL A 39 20.90 24.12 -2.09
N LEU A 40 22.11 24.53 -2.50
CA LEU A 40 23.27 23.60 -2.59
C LEU A 40 23.67 22.92 -1.29
N VAL A 41 23.41 23.56 -0.16
CA VAL A 41 23.67 22.97 1.15
C VAL A 41 22.69 21.88 1.57
N CYS A 42 21.50 21.81 0.97
CA CYS A 42 20.53 20.76 1.31
C CYS A 42 21.00 19.41 0.77
N GLU A 43 21.23 18.45 1.67
CA GLU A 43 21.89 17.18 1.34
C GLU A 43 20.96 16.00 1.18
N LEU A 44 19.70 16.13 1.63
CA LEU A 44 18.66 15.13 1.40
C LEU A 44 18.99 13.72 1.93
N PRO A 45 19.41 13.65 3.22
CA PRO A 45 19.74 12.36 3.82
C PRO A 45 18.47 11.54 4.07
N SER A 46 18.54 10.24 3.77
CA SER A 46 17.44 9.27 3.90
C SER A 46 16.54 9.13 2.66
N PHE A 47 16.69 10.02 1.68
CA PHE A 47 15.75 10.14 0.55
C PHE A 47 16.34 9.57 -0.73
N ASP A 48 15.56 8.74 -1.42
CA ASP A 48 15.89 8.38 -2.80
C ASP A 48 14.87 9.06 -3.71
N VAL A 49 15.28 10.19 -4.29
CA VAL A 49 14.39 10.99 -5.19
C VAL A 49 13.96 10.29 -6.48
N THR A 50 14.68 9.23 -6.89
CA THR A 50 14.30 8.48 -8.06
C THR A 50 13.26 7.41 -7.77
N ASP A 51 12.81 7.26 -6.52
CA ASP A 51 12.00 6.10 -6.14
C ASP A 51 10.54 6.40 -6.25
N VAL A 52 9.75 5.41 -6.65
CA VAL A 52 8.28 5.57 -6.77
C VAL A 52 7.57 5.80 -5.41
N GLU A 53 8.23 5.45 -4.31
CA GLU A 53 7.69 5.61 -2.95
C GLU A 53 8.19 6.87 -2.30
N PHE A 54 9.07 7.62 -2.96
CA PHE A 54 9.50 8.91 -2.46
C PHE A 54 8.34 9.75 -1.94
N ASP A 55 8.57 10.37 -0.78
CA ASP A 55 7.58 11.13 -0.06
C ASP A 55 8.01 12.59 0.06
N LEU A 56 7.41 13.45 -0.76
CA LEU A 56 7.73 14.87 -0.77
C LEU A 56 7.23 15.58 0.50
N PHE A 57 6.12 15.11 1.07
CA PHE A 57 5.61 15.69 2.33
C PHE A 57 6.61 15.48 3.50
N ARG A 58 7.06 14.24 3.66
CA ARG A 58 8.14 13.91 4.62
C ARG A 58 9.42 14.71 4.34
N ALA A 59 9.80 14.93 3.08
CA ALA A 59 10.94 15.80 2.77
C ALA A 59 10.73 17.28 3.15
N ARG A 60 9.49 17.74 3.09
CA ARG A 60 9.18 19.13 3.42
C ARG A 60 9.29 19.37 4.94
N GLU A 61 8.74 18.45 5.71
CA GLU A 61 8.82 18.49 7.17
C GLU A 61 10.25 18.36 7.71
N SER A 62 11.14 17.74 6.96
CA SER A 62 12.48 17.38 7.45
C SER A 62 13.42 18.55 7.71
N THR A 63 13.09 19.75 7.25
CA THR A 63 13.83 20.97 7.59
C THR A 63 12.83 22.08 7.74
N ASP A 64 13.31 23.23 8.20
CA ASP A 64 12.49 24.44 8.26
C ASP A 64 12.66 25.29 7.00
N LYS A 65 13.36 24.76 5.99
CA LYS A 65 13.56 25.42 4.70
C LYS A 65 12.95 24.59 3.56
N PRO A 66 11.63 24.33 3.62
CA PRO A 66 11.07 23.37 2.67
C PRO A 66 11.21 23.81 1.19
N LEU A 67 11.13 25.11 0.93
CA LEU A 67 11.37 25.63 -0.41
C LEU A 67 12.77 25.32 -0.96
N ASP A 68 13.79 25.36 -0.11
CA ASP A 68 15.17 25.01 -0.50
C ASP A 68 15.36 23.52 -0.74
N VAL A 69 14.69 22.70 0.06
CA VAL A 69 14.71 21.26 -0.10
C VAL A 69 14.03 20.90 -1.43
N ALA A 70 12.87 21.50 -1.70
CA ALA A 70 12.15 21.25 -2.93
C ALA A 70 13.01 21.58 -4.15
N ALA A 71 13.71 22.72 -4.11
CA ALA A 71 14.60 23.09 -5.19
C ALA A 71 15.74 22.09 -5.35
N ALA A 72 16.22 21.55 -4.22
CA ALA A 72 17.32 20.60 -4.21
C ALA A 72 16.90 19.28 -4.82
N ILE A 73 15.66 18.89 -4.55
CA ILE A 73 15.07 17.70 -5.13
C ILE A 73 15.03 17.83 -6.66
N ALA A 74 14.53 18.96 -7.15
CA ALA A 74 14.49 19.21 -8.58
C ALA A 74 15.87 19.17 -9.23
N TYR A 75 16.81 19.85 -8.57
CA TYR A 75 18.19 19.97 -9.04
C TYR A 75 18.86 18.60 -9.15
N ARG A 76 18.68 17.75 -8.13
CA ARG A 76 19.24 16.41 -8.12
C ARG A 76 18.61 15.50 -9.16
N LEU A 77 17.29 15.58 -9.30
CA LEU A 77 16.60 14.85 -10.36
C LEU A 77 17.19 15.18 -11.70
N LEU A 78 17.33 16.47 -12.00
CA LEU A 78 17.80 16.88 -13.34
C LEU A 78 19.26 16.52 -13.58
N LEU A 79 20.11 16.74 -12.57
CA LEU A 79 21.50 16.32 -12.66
C LEU A 79 21.69 14.80 -12.73
N GLY A 80 20.93 14.06 -11.92
CA GLY A 80 20.99 12.58 -11.90
C GLY A 80 20.55 11.94 -13.22
N SER A 81 19.68 12.62 -13.95
CA SER A 81 19.27 12.15 -15.27
C SER A 81 20.43 12.12 -16.27
N GLY A 82 21.47 12.94 -16.02
CA GLY A 82 22.59 13.13 -16.94
C GLY A 82 22.26 14.02 -18.14
N LEU A 83 21.03 14.55 -18.19
CA LEU A 83 20.55 15.23 -19.40
C LEU A 83 21.09 16.66 -19.58
N PRO A 84 20.97 17.54 -18.56
CA PRO A 84 21.42 18.94 -18.77
C PRO A 84 22.84 19.04 -19.32
N GLN A 85 23.75 18.23 -18.79
CA GLN A 85 25.16 18.18 -19.21
C GLN A 85 25.22 17.97 -20.72
N LYS A 86 24.47 16.98 -21.21
CA LYS A 86 24.46 16.64 -22.64
C LYS A 86 23.98 17.75 -23.56
N PHE A 87 23.16 18.67 -23.06
CA PHE A 87 22.64 19.75 -23.91
C PHE A 87 23.25 21.12 -23.57
N GLY A 88 24.45 21.11 -22.97
CA GLY A 88 25.18 22.33 -22.68
C GLY A 88 24.55 23.23 -21.66
N CYS A 89 23.84 22.65 -20.70
CA CYS A 89 23.23 23.39 -19.62
C CYS A 89 24.04 23.11 -18.38
N SER A 90 24.75 24.14 -17.91
CA SER A 90 25.62 24.06 -16.76
C SER A 90 24.80 23.91 -15.50
N ASP A 91 25.49 23.46 -14.47
CA ASP A 91 24.88 23.32 -13.16
C ASP A 91 24.32 24.64 -12.66
N GLU A 92 25.02 25.73 -12.94
CA GLU A 92 24.60 27.06 -12.51
C GLU A 92 23.29 27.51 -13.19
N VAL A 93 23.23 27.36 -14.51
CA VAL A 93 22.06 27.80 -15.28
C VAL A 93 20.84 27.00 -14.88
N LEU A 94 21.04 25.69 -14.70
CA LEU A 94 20.00 24.78 -14.25
C LEU A 94 19.42 25.25 -12.95
N LEU A 95 20.28 25.48 -11.97
CA LEU A 95 19.82 25.93 -10.65
C LEU A 95 19.18 27.33 -10.72
N ASN A 96 19.71 28.22 -11.55
CA ASN A 96 19.08 29.54 -11.73
C ASN A 96 17.64 29.38 -12.22
N PHE A 97 17.49 28.55 -13.26
CA PHE A 97 16.19 28.22 -13.82
C PHE A 97 15.25 27.70 -12.73
N ILE A 98 15.73 26.74 -11.94
CA ILE A 98 14.90 26.18 -10.89
C ILE A 98 14.40 27.32 -9.98
N LEU A 99 15.30 28.24 -9.62
CA LEU A 99 14.98 29.35 -8.68
C LEU A 99 14.14 30.44 -9.31
N GLN A 100 14.37 30.74 -10.59
CA GLN A 100 13.42 31.61 -11.33
C GLN A 100 12.00 31.04 -11.38
N CYS A 101 11.86 29.72 -11.57
CA CYS A 101 10.55 29.07 -11.51
C CYS A 101 9.92 29.23 -10.13
N ARG A 102 10.72 28.92 -9.09
CA ARG A 102 10.23 28.94 -7.70
C ARG A 102 9.67 30.30 -7.32
N LYS A 103 10.39 31.37 -7.67
CA LYS A 103 9.91 32.76 -7.47
C LYS A 103 8.50 33.00 -8.00
N LYS A 104 8.12 32.34 -9.08
CA LYS A 104 6.82 32.60 -9.68
C LYS A 104 5.68 31.70 -9.20
N TYR A 105 5.93 30.81 -8.24
CA TYR A 105 4.82 30.06 -7.64
C TYR A 105 4.38 30.78 -6.40
N ARG A 106 3.10 30.61 -6.08
CA ARG A 106 2.46 31.33 -5.01
C ARG A 106 2.18 30.43 -3.84
N ASN A 107 1.77 31.07 -2.75
CA ASN A 107 1.42 30.39 -1.54
C ASN A 107 -0.06 30.02 -1.60
N VAL A 108 -0.39 29.05 -2.44
CA VAL A 108 -1.75 28.48 -2.49
C VAL A 108 -1.68 27.06 -1.91
N PRO A 109 -2.82 26.45 -1.58
CA PRO A 109 -2.73 25.10 -0.97
C PRO A 109 -2.17 24.00 -1.90
N TYR A 110 -2.56 23.98 -3.19
CA TYR A 110 -2.17 22.87 -4.08
C TYR A 110 -1.25 23.27 -5.22
N HIS A 111 -1.62 24.26 -6.03
CA HIS A 111 -0.80 24.64 -7.18
C HIS A 111 0.37 25.56 -6.82
N ASN A 112 1.23 25.04 -5.96
CA ASN A 112 2.39 25.75 -5.46
C ASN A 112 3.62 25.04 -6.02
N PHE A 113 4.80 25.48 -5.63
CA PHE A 113 6.04 24.89 -6.08
C PHE A 113 6.18 23.40 -5.73
N TYR A 114 5.57 22.95 -4.64
CA TYR A 114 5.71 21.54 -4.23
C TYR A 114 5.00 20.60 -5.22
N HIS A 115 3.91 21.08 -5.78
CA HIS A 115 3.23 20.37 -6.82
C HIS A 115 4.10 20.17 -8.06
N VAL A 116 4.79 21.19 -8.51
CA VAL A 116 5.50 21.06 -9.77
C VAL A 116 6.78 20.25 -9.58
N VAL A 117 7.37 20.32 -8.39
CA VAL A 117 8.49 19.46 -8.03
C VAL A 117 8.00 17.99 -7.95
N ASP A 118 6.82 17.79 -7.39
CA ASP A 118 6.18 16.47 -7.37
C ASP A 118 5.99 15.93 -8.81
N VAL A 119 5.45 16.78 -9.68
CA VAL A 119 5.19 16.38 -11.06
C VAL A 119 6.50 16.04 -11.78
N CYS A 120 7.51 16.87 -11.56
CA CYS A 120 8.83 16.60 -12.04
C CYS A 120 9.39 15.22 -11.58
N GLN A 121 9.28 14.96 -10.27
CA GLN A 121 9.78 13.72 -9.69
C GLN A 121 9.01 12.53 -10.23
N THR A 122 7.70 12.69 -10.33
CA THR A 122 6.86 11.61 -10.78
C THR A 122 7.16 11.26 -12.24
N ILE A 123 7.32 12.27 -13.06
CA ILE A 123 7.70 12.10 -14.47
C ILE A 123 9.05 11.39 -14.61
N HIS A 124 10.02 11.78 -13.77
CA HIS A 124 11.29 11.04 -13.67
C HIS A 124 11.02 9.53 -13.42
N THR A 125 10.11 9.18 -12.53
CA THR A 125 9.81 7.76 -12.31
C THR A 125 9.14 7.10 -13.52
N PHE A 126 8.19 7.80 -14.14
CA PHE A 126 7.55 7.26 -15.35
C PHE A 126 8.58 7.01 -16.47
N LEU A 127 9.53 7.93 -16.62
CA LEU A 127 10.54 7.79 -17.67
C LEU A 127 11.51 6.66 -17.33
N TYR A 128 12.03 6.62 -16.10
CA TYR A 128 13.17 5.76 -15.82
C TYR A 128 12.80 4.46 -15.12
N ARG A 129 11.88 4.51 -14.14
CA ARG A 129 11.31 3.29 -13.56
C ARG A 129 10.29 2.66 -14.50
N GLY A 130 9.49 3.47 -15.18
CA GLY A 130 8.49 2.98 -16.12
C GLY A 130 8.97 2.72 -17.54
N ASN A 131 10.25 3.03 -17.81
CA ASN A 131 10.89 2.79 -19.12
C ASN A 131 10.27 3.57 -20.27
N VAL A 132 9.54 4.63 -19.97
CA VAL A 132 8.97 5.44 -21.03
C VAL A 132 10.09 6.20 -21.74
N TYR A 133 11.27 6.31 -21.10
CA TYR A 133 12.42 6.96 -21.77
C TYR A 133 12.71 6.29 -23.13
N GLU A 134 12.40 4.99 -23.25
CA GLU A 134 12.68 4.25 -24.49
C GLU A 134 11.89 4.76 -25.69
N LYS A 135 10.78 5.43 -25.44
CA LYS A 135 9.90 5.95 -26.46
C LYS A 135 10.31 7.36 -26.94
N LEU A 136 11.27 8.01 -26.25
CA LEU A 136 11.59 9.41 -26.48
C LEU A 136 13.09 9.68 -26.70
N THR A 137 13.42 10.78 -27.36
CA THR A 137 14.83 11.14 -27.50
C THR A 137 15.30 11.62 -26.13
N GLU A 138 16.61 11.71 -25.93
CA GLU A 138 17.11 12.31 -24.72
C GLU A 138 16.68 13.76 -24.55
N LEU A 139 16.63 14.51 -25.64
CA LEU A 139 16.12 15.90 -25.59
C LEU A 139 14.69 15.98 -25.07
N GLU A 140 13.82 15.12 -25.56
CA GLU A 140 12.45 15.08 -25.12
C GLU A 140 12.32 14.76 -23.63
N CYS A 141 13.10 13.79 -23.15
CA CYS A 141 13.16 13.52 -21.70
C CYS A 141 13.57 14.76 -20.92
N PHE A 142 14.61 15.44 -21.41
CA PHE A 142 15.05 16.70 -20.82
C PHE A 142 13.94 17.75 -20.81
N VAL A 143 13.30 17.96 -21.97
CA VAL A 143 12.23 18.95 -22.07
C VAL A 143 11.11 18.61 -21.08
N LEU A 144 10.76 17.31 -20.96
CA LEU A 144 9.72 16.92 -20.02
C LEU A 144 10.02 17.28 -18.57
N LEU A 145 11.22 16.96 -18.11
CA LEU A 145 11.54 17.22 -16.73
C LEU A 145 11.55 18.74 -16.46
N ILE A 146 12.07 19.52 -17.40
CA ILE A 146 12.03 20.99 -17.33
C ILE A 146 10.59 21.52 -17.35
N THR A 147 9.76 20.95 -18.22
CA THR A 147 8.40 21.44 -18.37
C THR A 147 7.57 21.21 -17.12
N ALA A 148 7.82 20.12 -16.42
CA ALA A 148 7.16 19.93 -15.13
C ALA A 148 7.27 21.16 -14.23
N LEU A 149 8.42 21.80 -14.20
CA LEU A 149 8.65 22.93 -13.30
C LEU A 149 7.97 24.22 -13.74
N VAL A 150 7.73 24.40 -15.03
CA VAL A 150 7.03 25.59 -15.54
C VAL A 150 5.51 25.46 -15.72
N HIS A 151 4.96 24.27 -15.59
CA HIS A 151 3.64 24.00 -16.16
C HIS A 151 2.45 24.63 -15.42
N ASP A 152 2.64 25.06 -14.18
CA ASP A 152 1.63 25.86 -13.44
C ASP A 152 2.13 27.27 -12.97
N LEU A 153 3.14 27.84 -13.61
CA LEU A 153 3.71 29.13 -13.13
C LEU A 153 2.66 30.22 -12.84
N ASP A 154 2.68 30.73 -11.61
CA ASP A 154 1.85 31.87 -11.17
C ASP A 154 0.37 31.51 -11.06
N HIS A 155 0.09 30.26 -10.75
CA HIS A 155 -1.28 29.80 -10.48
C HIS A 155 -1.75 30.45 -9.18
N MET A 156 -2.99 30.92 -9.16
CA MET A 156 -3.57 31.75 -8.07
C MET A 156 -4.52 30.94 -7.18
N GLY A 157 -4.50 29.63 -7.34
CA GLY A 157 -5.52 28.71 -6.88
C GLY A 157 -6.91 28.82 -7.45
N LEU A 158 -7.03 29.42 -8.63
CA LEU A 158 -8.33 29.57 -9.31
C LEU A 158 -8.24 28.93 -10.69
N ASN A 159 -9.29 28.21 -11.07
CA ASN A 159 -9.29 27.50 -12.35
C ASN A 159 -9.76 28.40 -13.48
N ASN A 160 -9.66 27.88 -14.70
CA ASN A 160 -10.01 28.66 -15.89
C ASN A 160 -11.43 29.17 -15.80
N SER A 161 -12.31 28.29 -15.38
CA SER A 161 -13.73 28.61 -15.22
C SER A 161 -13.98 29.85 -14.34
N PHE A 162 -13.23 30.01 -13.26
CA PHE A 162 -13.38 31.19 -12.43
C PHE A 162 -13.23 32.49 -13.24
N TYR A 163 -12.12 32.60 -13.96
CA TYR A 163 -11.79 33.79 -14.77
C TYR A 163 -12.84 34.09 -15.85
N LEU A 164 -13.39 33.03 -16.46
CA LEU A 164 -14.36 33.18 -17.51
C LEU A 164 -15.71 33.61 -16.91
N LYS A 165 -16.13 32.92 -15.86
CA LYS A 165 -17.43 33.15 -15.20
C LYS A 165 -17.53 34.52 -14.59
N THR A 166 -16.46 34.97 -13.96
CA THR A 166 -16.42 36.27 -13.35
C THR A 166 -16.08 37.41 -14.33
N GLU A 167 -15.87 37.13 -15.63
CA GLU A 167 -15.40 38.13 -16.60
C GLU A 167 -14.21 38.93 -16.08
N SER A 168 -13.24 38.20 -15.55
CA SER A 168 -11.97 38.79 -15.13
C SER A 168 -11.25 39.28 -16.38
N PRO A 169 -10.35 40.30 -16.27
CA PRO A 169 -9.55 40.74 -17.40
C PRO A 169 -8.85 39.64 -18.23
N LEU A 170 -8.17 38.68 -17.59
CA LEU A 170 -7.55 37.56 -18.34
C LEU A 170 -8.59 36.68 -19.02
N GLY A 171 -9.74 36.52 -18.38
CA GLY A 171 -10.83 35.76 -19.00
C GLY A 171 -11.30 36.45 -20.27
N ILE A 172 -11.44 37.78 -20.19
CA ILE A 172 -11.91 38.58 -21.32
C ILE A 172 -10.90 38.47 -22.45
N LEU A 173 -9.61 38.62 -22.12
CA LEU A 173 -8.55 38.50 -23.15
C LEU A 173 -8.55 37.15 -23.84
N SER A 174 -8.68 36.07 -23.05
CA SER A 174 -8.78 34.71 -23.60
C SER A 174 -9.99 34.53 -24.51
N SER A 175 -11.17 34.98 -24.07
CA SER A 175 -12.37 34.90 -24.90
C SER A 175 -12.12 35.64 -26.21
N ALA A 176 -11.69 36.91 -26.12
CA ALA A 176 -11.47 37.79 -27.29
C ALA A 176 -10.46 37.20 -28.26
N SER A 177 -9.37 36.63 -27.75
CA SER A 177 -8.34 36.02 -28.61
C SER A 177 -8.60 34.57 -29.04
N GLY A 178 -9.74 33.97 -28.70
CA GLY A 178 -10.08 32.63 -29.19
C GLY A 178 -9.60 31.39 -28.43
N ASN A 179 -8.79 31.55 -27.37
CA ASN A 179 -8.40 30.43 -26.50
C ASN A 179 -9.12 30.44 -25.14
N THR A 180 -9.70 29.34 -24.73
CA THR A 180 -10.28 29.20 -23.37
C THR A 180 -9.27 28.76 -22.29
N SER A 181 -8.06 28.35 -22.71
CA SER A 181 -7.02 27.91 -21.74
C SER A 181 -6.31 29.09 -21.11
N VAL A 182 -7.04 29.80 -20.26
CA VAL A 182 -6.56 31.04 -19.63
C VAL A 182 -5.26 30.80 -18.89
N LEU A 183 -5.25 29.83 -17.99
CA LEU A 183 -4.08 29.60 -17.15
C LEU A 183 -2.92 29.07 -17.95
N GLU A 184 -3.22 28.13 -18.84
CA GLU A 184 -2.14 27.40 -19.53
C GLU A 184 -1.35 28.31 -20.44
N VAL A 185 -2.06 29.23 -21.11
CA VAL A 185 -1.38 30.28 -21.91
C VAL A 185 -0.52 31.19 -21.01
N HIS A 186 -1.07 31.59 -19.88
CA HIS A 186 -0.35 32.41 -18.94
C HIS A 186 0.92 31.67 -18.46
N HIS A 187 0.79 30.38 -18.11
CA HIS A 187 1.99 29.61 -17.67
C HIS A 187 3.03 29.65 -18.75
N CYS A 188 2.62 29.46 -20.01
CA CYS A 188 3.58 29.43 -21.15
C CYS A 188 4.30 30.78 -21.34
N ASN A 189 3.53 31.86 -21.22
CA ASN A 189 4.13 33.21 -21.26
C ASN A 189 5.26 33.39 -20.25
N LEU A 190 5.03 32.94 -19.02
CA LEU A 190 6.02 33.09 -17.99
C LEU A 190 7.18 32.14 -18.17
N ALA A 191 6.94 30.97 -18.77
CA ALA A 191 8.04 30.07 -19.07
C ALA A 191 8.95 30.72 -20.07
N VAL A 192 8.37 31.21 -21.16
CA VAL A 192 9.15 31.90 -22.21
C VAL A 192 9.96 33.08 -21.65
N GLU A 193 9.36 33.91 -20.79
CA GLU A 193 10.09 35.03 -20.15
C GLU A 193 11.29 34.51 -19.33
N ILE A 194 11.11 33.49 -18.49
CA ILE A 194 12.24 32.91 -17.72
C ILE A 194 13.38 32.45 -18.65
N LEU A 195 13.03 31.82 -19.76
CA LEU A 195 14.03 31.28 -20.72
C LEU A 195 14.68 32.29 -21.66
N SER A 196 14.18 33.52 -21.69
CA SER A 196 14.75 34.59 -22.55
C SER A 196 16.05 35.16 -21.98
N ASP A 197 16.18 35.06 -20.66
CA ASP A 197 17.41 35.37 -19.94
C ASP A 197 18.40 34.20 -20.04
N PRO A 198 19.53 34.38 -20.78
CA PRO A 198 20.53 33.30 -20.91
C PRO A 198 21.08 32.72 -19.58
N GLU A 199 21.06 33.50 -18.51
CA GLU A 199 21.47 33.00 -17.18
C GLU A 199 20.52 31.94 -16.61
N SER A 200 19.28 31.88 -17.09
CA SER A 200 18.35 30.81 -16.72
C SER A 200 17.75 30.05 -17.94
N ASP A 201 18.40 30.11 -19.11
CA ASP A 201 17.89 29.45 -20.28
C ASP A 201 18.54 28.08 -20.30
N VAL A 202 17.82 27.10 -19.78
CA VAL A 202 18.26 25.69 -19.86
C VAL A 202 18.36 25.11 -21.28
N PHE A 203 17.79 25.81 -22.28
CA PHE A 203 17.88 25.42 -23.69
C PHE A 203 18.91 26.21 -24.51
N ASP A 204 19.73 27.05 -23.86
CA ASP A 204 20.66 27.96 -24.57
C ASP A 204 21.73 27.20 -25.33
N GLY A 205 22.07 26.01 -24.86
CA GLY A 205 22.98 25.13 -25.57
C GLY A 205 22.43 24.46 -26.82
N LEU A 206 21.16 24.68 -27.14
CA LEU A 206 20.55 24.13 -28.33
C LEU A 206 20.56 25.16 -29.44
N GLU A 207 20.54 24.68 -30.68
CA GLU A 207 20.38 25.50 -31.86
C GLU A 207 19.41 24.82 -32.82
N GLY A 208 18.96 25.61 -33.80
CA GLY A 208 18.26 25.09 -34.94
C GLY A 208 16.99 24.36 -34.59
N ALA A 209 16.79 23.22 -35.22
CA ALA A 209 15.58 22.41 -35.04
C ALA A 209 15.42 21.90 -33.62
N GLU A 210 16.51 21.60 -32.92
CA GLU A 210 16.44 21.15 -31.54
C GLU A 210 15.89 22.24 -30.63
N ARG A 211 16.32 23.50 -30.83
CA ARG A 211 15.87 24.57 -29.96
C ARG A 211 14.38 24.80 -30.17
N THR A 212 13.98 24.83 -31.43
CA THR A 212 12.57 24.95 -31.80
C THR A 212 11.73 23.83 -31.19
N LEU A 213 12.22 22.59 -31.31
CA LEU A 213 11.55 21.43 -30.75
C LEU A 213 11.40 21.58 -29.26
N ALA A 214 12.42 22.06 -28.57
CA ALA A 214 12.29 22.19 -27.12
C ALA A 214 11.19 23.17 -26.73
N PHE A 215 11.12 24.30 -27.45
CA PHE A 215 10.15 25.32 -27.07
C PHE A 215 8.76 24.84 -27.47
N ARG A 216 8.63 24.30 -28.66
CA ARG A 216 7.30 23.89 -29.16
C ARG A 216 6.74 22.71 -28.34
N SER A 217 7.58 21.75 -28.00
CA SER A 217 7.14 20.60 -27.22
C SER A 217 6.81 21.01 -25.79
N MET A 218 7.57 21.92 -25.21
CA MET A 218 7.25 22.41 -23.88
C MET A 218 5.86 23.08 -23.86
N ILE A 219 5.65 23.95 -24.84
CA ILE A 219 4.42 24.69 -24.97
C ILE A 219 3.25 23.75 -25.24
N ASP A 220 3.41 22.85 -26.19
CA ASP A 220 2.34 21.86 -26.47
C ASP A 220 1.97 21.08 -25.19
N CYS A 221 2.98 20.62 -24.43
CA CYS A 221 2.71 19.88 -23.22
C CYS A 221 1.91 20.71 -22.19
N VAL A 222 2.31 21.96 -21.97
CA VAL A 222 1.61 22.79 -20.98
C VAL A 222 0.17 23.01 -21.42
N LEU A 223 -0.04 23.33 -22.70
CA LEU A 223 -1.39 23.55 -23.20
C LEU A 223 -2.26 22.30 -23.08
N ALA A 224 -1.64 21.13 -23.26
CA ALA A 224 -2.37 19.86 -23.10
C ALA A 224 -2.77 19.51 -21.65
N THR A 225 -2.29 20.24 -20.64
CA THR A 225 -2.66 19.97 -19.23
C THR A 225 -4.02 20.56 -18.86
N ASP A 226 -4.61 21.36 -19.74
CA ASP A 226 -5.94 21.90 -19.51
C ASP A 226 -6.92 20.73 -19.55
N MET A 227 -7.60 20.46 -18.43
CA MET A 227 -8.44 19.24 -18.30
C MET A 227 -9.69 19.27 -19.17
N ALA A 228 -10.06 20.44 -19.69
CA ALA A 228 -11.10 20.50 -20.72
C ALA A 228 -10.71 19.74 -21.95
N LYS A 229 -9.41 19.54 -22.19
CA LYS A 229 -8.90 18.78 -23.33
C LYS A 229 -8.55 17.34 -22.96
N HIS A 230 -8.95 16.87 -21.77
CA HIS A 230 -8.53 15.55 -21.30
C HIS A 230 -8.90 14.39 -22.24
N GLY A 231 -10.19 14.27 -22.58
CA GLY A 231 -10.69 13.19 -23.37
C GLY A 231 -10.06 13.13 -24.74
N SER A 232 -9.91 14.28 -25.39
CA SER A 232 -9.40 14.28 -26.76
C SER A 232 -7.88 14.03 -26.83
N ALA A 233 -7.13 14.54 -25.83
CA ALA A 233 -5.70 14.25 -25.75
C ALA A 233 -5.48 12.75 -25.53
N LEU A 234 -6.27 12.16 -24.66
CA LEU A 234 -6.19 10.72 -24.43
C LEU A 234 -6.52 9.90 -25.66
N GLU A 235 -7.64 10.22 -26.28
CA GLU A 235 -8.02 9.50 -27.48
C GLU A 235 -7.00 9.65 -28.58
N ALA A 236 -6.46 10.85 -28.76
CA ALA A 236 -5.45 11.06 -29.78
C ALA A 236 -4.19 10.24 -29.50
N PHE A 237 -3.75 10.19 -28.24
CA PHE A 237 -2.59 9.39 -27.89
C PHE A 237 -2.85 7.91 -28.23
N LEU A 238 -4.01 7.41 -27.86
CA LEU A 238 -4.35 5.99 -28.05
C LEU A 238 -4.50 5.63 -29.51
N ALA A 239 -5.06 6.54 -30.30
CA ALA A 239 -5.20 6.32 -31.73
C ALA A 239 -3.83 6.22 -32.38
N SER A 240 -2.93 7.15 -32.03
CA SER A 240 -1.57 7.14 -32.53
C SER A 240 -0.80 5.89 -32.13
N ALA A 241 -0.91 5.47 -30.85
CA ALA A 241 -0.20 4.29 -30.36
C ALA A 241 -0.69 2.97 -31.01
N ALA A 242 -1.97 2.90 -31.34
CA ALA A 242 -2.50 1.71 -32.00
C ALA A 242 -2.12 1.65 -33.50
N ASP A 243 -1.75 2.80 -34.11
CA ASP A 243 -1.40 2.91 -35.55
C ASP A 243 0.10 2.81 -35.79
N GLN A 244 0.56 1.66 -36.28
CA GLN A 244 2.00 1.44 -36.61
C GLN A 244 2.49 2.44 -37.67
N SER A 245 1.58 3.04 -38.42
CA SER A 245 1.92 4.03 -39.42
C SER A 245 1.77 5.45 -38.95
N SER A 246 1.50 5.68 -37.67
CA SER A 246 1.39 7.05 -37.19
C SER A 246 2.66 7.79 -37.51
N ASP A 247 2.53 9.08 -37.68
CA ASP A 247 3.69 9.91 -37.90
C ASP A 247 4.51 9.85 -36.58
N GLU A 248 5.76 9.51 -36.70
CA GLU A 248 6.69 9.35 -35.58
C GLU A 248 6.84 10.61 -34.74
N ALA A 249 7.02 11.75 -35.38
CA ALA A 249 7.17 13.00 -34.68
C ALA A 249 5.89 13.31 -33.88
N ALA A 250 4.73 13.08 -34.49
CA ALA A 250 3.46 13.28 -33.81
C ALA A 250 3.29 12.32 -32.61
N PHE A 251 3.74 11.07 -32.74
CA PHE A 251 3.64 10.10 -31.65
C PHE A 251 4.53 10.51 -30.47
N HIS A 252 5.77 10.89 -30.79
CA HIS A 252 6.65 11.46 -29.77
C HIS A 252 5.99 12.61 -29.02
N ARG A 253 5.38 13.54 -29.76
CA ARG A 253 4.80 14.70 -29.18
C ARG A 253 3.65 14.31 -28.25
N MET A 254 2.76 13.42 -28.70
CA MET A 254 1.65 12.95 -27.92
C MET A 254 2.03 12.16 -26.69
N THR A 255 3.09 11.38 -26.80
CA THR A 255 3.66 10.71 -25.65
C THR A 255 4.12 11.73 -24.59
N MET A 256 4.85 12.79 -25.01
CA MET A 256 5.25 13.86 -24.08
C MET A 256 4.04 14.50 -23.38
N GLU A 257 3.04 14.86 -24.17
CA GLU A 257 1.81 15.40 -23.65
C GLU A 257 1.13 14.49 -22.64
N ILE A 258 1.05 13.19 -22.95
CA ILE A 258 0.35 12.24 -22.10
C ILE A 258 1.18 11.98 -20.84
N ILE A 259 2.49 12.02 -20.92
CA ILE A 259 3.32 11.86 -19.71
C ILE A 259 3.20 13.06 -18.78
N LEU A 260 3.20 14.29 -19.33
CA LEU A 260 2.99 15.45 -18.46
C LEU A 260 1.62 15.42 -17.87
N LYS A 261 0.58 15.11 -18.65
CA LYS A 261 -0.74 14.90 -18.09
C LYS A 261 -0.76 13.83 -16.99
N ALA A 262 -0.12 12.70 -17.25
CA ALA A 262 -0.05 11.59 -16.28
C ALA A 262 0.55 12.06 -14.95
N GLY A 263 1.65 12.82 -15.03
CA GLY A 263 2.24 13.41 -13.84
C GLY A 263 1.30 14.33 -13.08
N ASP A 264 0.55 15.12 -13.83
CA ASP A 264 -0.41 16.04 -13.27
C ASP A 264 -1.55 15.38 -12.52
N ILE A 265 -2.03 14.21 -12.98
CA ILE A 265 -3.06 13.45 -12.25
C ILE A 265 -2.53 12.20 -11.53
N SER A 266 -1.27 12.23 -11.12
CA SER A 266 -0.57 11.09 -10.54
C SER A 266 -0.76 10.92 -9.02
N ASN A 267 -1.45 11.88 -8.37
CA ASN A 267 -1.72 11.84 -6.92
C ASN A 267 -2.30 10.52 -6.45
N VAL A 268 -3.28 9.98 -7.18
CA VAL A 268 -3.87 8.70 -6.83
C VAL A 268 -3.00 7.48 -7.11
N THR A 269 -1.84 7.65 -7.74
CA THR A 269 -0.94 6.54 -7.97
C THR A 269 0.14 6.41 -6.90
N LYS A 270 0.09 7.24 -5.86
CA LYS A 270 1.12 7.26 -4.82
C LYS A 270 0.70 6.42 -3.63
N PRO A 271 1.65 6.12 -2.71
CA PRO A 271 1.27 5.47 -1.44
C PRO A 271 0.08 6.17 -0.79
N PHE A 272 -0.89 5.41 -0.29
CA PHE A 272 -2.16 5.96 0.23
C PHE A 272 -2.06 7.26 1.01
N ASP A 273 -1.11 7.33 1.93
CA ASP A 273 -1.04 8.47 2.81
C ASP A 273 -0.57 9.72 2.09
N ILE A 274 0.33 9.53 1.12
CA ILE A 274 0.79 10.60 0.24
C ILE A 274 -0.39 11.09 -0.60
N SER A 275 -1.08 10.16 -1.23
CA SER A 275 -2.30 10.40 -1.97
C SER A 275 -3.34 11.21 -1.16
N ARG A 276 -3.55 10.83 0.10
CA ARG A 276 -4.55 11.48 0.97
C ARG A 276 -4.15 12.91 1.26
N GLN A 277 -2.88 13.15 1.55
CA GLN A 277 -2.41 14.50 1.78
C GLN A 277 -2.59 15.43 0.57
N TRP A 278 -2.27 14.92 -0.62
CA TRP A 278 -2.58 15.66 -1.85
C TRP A 278 -4.07 15.98 -1.95
N ALA A 279 -4.91 14.98 -1.76
CA ALA A 279 -6.33 15.18 -1.95
C ALA A 279 -6.86 16.30 -1.03
N MET A 280 -6.32 16.38 0.17
CA MET A 280 -6.73 17.40 1.15
C MET A 280 -6.34 18.80 0.68
N ALA A 281 -5.11 18.90 0.17
CA ALA A 281 -4.58 20.14 -0.30
C ALA A 281 -5.40 20.68 -1.49
N VAL A 282 -5.78 19.79 -2.43
CA VAL A 282 -6.60 20.22 -3.59
C VAL A 282 -8.01 20.59 -3.17
N THR A 283 -8.56 19.80 -2.26
CA THR A 283 -9.91 20.03 -1.73
C THR A 283 -10.01 21.42 -1.08
N GLU A 284 -9.01 21.79 -0.31
CA GLU A 284 -8.95 23.12 0.29
C GLU A 284 -8.82 24.23 -0.76
N GLU A 285 -8.06 24.00 -1.82
CA GLU A 285 -7.91 25.02 -2.85
C GLU A 285 -9.22 25.26 -3.55
N PHE A 286 -9.92 24.18 -3.87
CA PHE A 286 -11.21 24.27 -4.50
C PHE A 286 -12.19 24.99 -3.60
N TYR A 287 -12.13 24.69 -2.30
CA TYR A 287 -13.04 25.34 -1.34
C TYR A 287 -12.84 26.84 -1.27
N ARG A 288 -11.59 27.28 -1.39
CA ARG A 288 -11.27 28.70 -1.44
C ARG A 288 -11.80 29.35 -2.70
N GLN A 289 -11.70 28.65 -3.83
CA GLN A 289 -12.29 29.15 -5.06
C GLN A 289 -13.79 29.32 -4.83
N GLY A 290 -14.46 28.32 -4.25
CA GLY A 290 -15.91 28.39 -3.98
C GLY A 290 -16.33 29.52 -3.04
N ASP A 291 -15.50 29.80 -2.04
CA ASP A 291 -15.67 30.95 -1.15
C ASP A 291 -15.62 32.26 -1.93
N MET A 292 -14.61 32.42 -2.78
CA MET A 292 -14.48 33.61 -3.64
C MET A 292 -15.62 33.75 -4.67
N GLU A 293 -16.17 32.63 -5.14
CA GLU A 293 -17.32 32.64 -6.05
C GLU A 293 -18.58 33.12 -5.31
N LYS A 294 -18.74 32.72 -4.05
CA LYS A 294 -19.84 33.23 -3.23
C LYS A 294 -19.76 34.74 -3.04
N GLU A 295 -18.61 35.24 -2.63
CA GLU A 295 -18.41 36.68 -2.53
C GLU A 295 -18.70 37.42 -3.84
N ARG A 296 -18.36 36.79 -4.98
CA ARG A 296 -18.61 37.34 -6.33
C ARG A 296 -20.07 37.20 -6.79
N GLY A 297 -20.87 36.42 -6.07
CA GLY A 297 -22.24 36.14 -6.49
C GLY A 297 -22.40 35.20 -7.67
N VAL A 298 -21.32 34.57 -8.13
CA VAL A 298 -21.43 33.58 -9.23
C VAL A 298 -21.68 32.16 -8.71
N GLU A 299 -22.01 31.27 -9.65
CA GLU A 299 -22.35 29.88 -9.39
C GLU A 299 -21.17 29.11 -8.77
N VAL A 300 -21.45 28.33 -7.72
CA VAL A 300 -20.47 27.44 -7.08
C VAL A 300 -20.89 25.99 -7.34
N LEU A 301 -20.01 25.20 -7.96
CA LEU A 301 -20.26 23.75 -8.12
C LEU A 301 -20.18 23.04 -6.74
N PRO A 302 -20.89 21.90 -6.57
CA PRO A 302 -20.89 21.19 -5.27
C PRO A 302 -19.48 20.89 -4.74
N MET A 303 -18.64 20.37 -5.63
CA MET A 303 -17.22 20.09 -5.37
C MET A 303 -16.44 21.26 -4.73
N PHE A 304 -16.80 22.49 -5.06
CA PHE A 304 -16.08 23.69 -4.60
C PHE A 304 -16.75 24.36 -3.38
N ASP A 305 -17.84 23.77 -2.89
CA ASP A 305 -18.69 24.35 -1.84
C ASP A 305 -18.46 23.69 -0.45
N ARG A 306 -17.73 24.36 0.46
CA ARG A 306 -17.53 23.89 1.86
C ARG A 306 -18.76 23.38 2.57
N SER A 307 -19.86 24.13 2.43
CA SER A 307 -21.08 23.89 3.16
C SER A 307 -21.69 22.50 2.91
N LYS A 308 -21.37 21.88 1.77
CA LYS A 308 -21.99 20.58 1.38
C LYS A 308 -21.29 19.26 1.70
N ASN A 309 -19.97 19.20 1.55
CA ASN A 309 -19.26 17.91 1.63
C ASN A 309 -18.98 17.38 3.02
N MET A 310 -19.03 16.05 3.13
CA MET A 310 -18.52 15.29 4.28
C MET A 310 -17.43 14.27 3.90
N GLU A 311 -17.38 13.81 2.64
CA GLU A 311 -16.72 12.56 2.25
C GLU A 311 -15.56 12.60 1.22
N LEU A 312 -14.35 12.72 1.76
CA LEU A 312 -13.10 12.60 1.00
C LEU A 312 -13.04 11.23 0.28
N ALA A 313 -13.42 10.10 0.91
CA ALA A 313 -13.38 8.75 0.26
C ALA A 313 -14.20 8.64 -0.99
N LYS A 314 -15.43 9.17 -0.96
CA LYS A 314 -16.31 9.09 -2.12
C LYS A 314 -15.77 9.92 -3.29
N GLY A 315 -15.15 11.06 -3.01
CA GLY A 315 -14.55 11.91 -4.03
C GLY A 315 -13.39 11.17 -4.71
N GLN A 316 -12.48 10.63 -3.90
CA GLN A 316 -11.35 9.89 -4.42
C GLN A 316 -11.77 8.69 -5.23
N ILE A 317 -12.75 7.92 -4.75
CA ILE A 317 -13.27 6.79 -5.49
C ILE A 317 -13.87 7.25 -6.82
N GLY A 318 -14.61 8.33 -6.77
CA GLY A 318 -15.22 8.90 -7.98
C GLY A 318 -14.18 9.30 -9.01
N PHE A 319 -13.15 10.03 -8.55
CA PHE A 319 -12.08 10.44 -9.41
C PHE A 319 -11.32 9.26 -10.01
N ILE A 320 -11.01 8.27 -9.17
CA ILE A 320 -10.42 7.02 -9.60
C ILE A 320 -11.24 6.37 -10.69
N ASP A 321 -12.53 6.21 -10.46
CA ASP A 321 -13.39 5.46 -11.38
C ASP A 321 -13.62 6.17 -12.72
N PHE A 322 -13.83 7.48 -12.68
CA PHE A 322 -14.21 8.22 -13.91
C PHE A 322 -13.06 8.88 -14.65
N VAL A 323 -11.95 9.18 -13.98
CA VAL A 323 -10.79 9.85 -14.59
C VAL A 323 -9.50 9.03 -14.57
N ALA A 324 -8.96 8.78 -13.37
CA ALA A 324 -7.61 8.24 -13.21
C ALA A 324 -7.41 6.78 -13.60
N ALA A 325 -8.28 5.88 -13.15
CA ALA A 325 -8.09 4.46 -13.45
C ALA A 325 -8.22 4.16 -14.94
N PRO A 326 -9.25 4.69 -15.62
CA PRO A 326 -9.34 4.45 -17.07
C PRO A 326 -8.15 5.01 -17.83
N PHE A 327 -7.68 6.19 -17.44
CA PHE A 327 -6.56 6.85 -18.06
C PHE A 327 -5.32 6.03 -17.96
N PHE A 328 -4.93 5.71 -16.74
CA PHE A 328 -3.73 4.93 -16.52
C PHE A 328 -3.83 3.52 -17.09
N GLN A 329 -5.00 2.90 -17.00
CA GLN A 329 -5.17 1.57 -17.57
C GLN A 329 -4.96 1.60 -19.09
N LYS A 330 -5.62 2.56 -19.74
CA LYS A 330 -5.59 2.62 -21.19
C LYS A 330 -4.21 2.93 -21.78
N ILE A 331 -3.48 3.88 -21.19
CA ILE A 331 -2.16 4.21 -21.69
C ILE A 331 -1.16 3.09 -21.41
N VAL A 332 -1.29 2.44 -20.26
CA VAL A 332 -0.45 1.29 -19.97
C VAL A 332 -0.69 0.16 -20.97
N ASP A 333 -1.97 -0.19 -21.19
CA ASP A 333 -2.29 -1.28 -22.12
C ASP A 333 -1.94 -0.92 -23.56
N ALA A 334 -2.17 0.33 -23.94
CA ALA A 334 -1.86 0.80 -25.29
C ALA A 334 -0.39 0.70 -25.64
N CYS A 335 0.48 0.89 -24.67
CA CYS A 335 1.80 1.34 -25.00
C CYS A 335 2.79 1.33 -23.83
N LEU A 336 2.40 1.88 -22.67
CA LEU A 336 3.32 2.13 -21.57
C LEU A 336 3.30 1.02 -20.50
N GLN A 337 3.65 -0.20 -20.93
CA GLN A 337 3.63 -1.41 -20.07
C GLN A 337 4.45 -1.24 -18.81
N GLY A 338 5.56 -0.50 -18.89
CA GLY A 338 6.41 -0.33 -17.74
C GLY A 338 5.75 0.42 -16.59
N MET A 339 4.66 1.15 -16.85
CA MET A 339 3.96 1.90 -15.80
C MET A 339 2.80 1.13 -15.16
N GLN A 340 2.85 -0.20 -15.23
CA GLN A 340 1.80 -1.06 -14.67
C GLN A 340 1.55 -0.76 -13.16
N TRP A 341 2.60 -0.41 -12.42
CA TRP A 341 2.47 -0.12 -10.99
C TRP A 341 1.49 1.01 -10.67
N THR A 342 1.27 1.94 -11.60
CA THR A 342 0.34 3.03 -11.38
C THR A 342 -1.05 2.46 -11.27
N VAL A 343 -1.36 1.52 -12.17
CA VAL A 343 -2.66 0.84 -12.18
C VAL A 343 -2.85 0.00 -10.91
N ASP A 344 -1.77 -0.66 -10.44
CA ASP A 344 -1.79 -1.48 -9.23
C ASP A 344 -2.08 -0.61 -8.00
N ARG A 345 -1.37 0.52 -7.90
CA ARG A 345 -1.54 1.42 -6.76
C ARG A 345 -2.89 2.11 -6.73
N ILE A 346 -3.42 2.46 -7.89
CA ILE A 346 -4.76 3.03 -7.97
C ILE A 346 -5.76 2.00 -7.45
N LYS A 347 -5.61 0.76 -7.90
CA LYS A 347 -6.46 -0.35 -7.45
C LYS A 347 -6.41 -0.47 -5.94
N SER A 348 -5.20 -0.47 -5.42
CA SER A 348 -4.95 -0.65 -4.01
C SER A 348 -5.47 0.54 -3.22
N ASN A 349 -5.30 1.76 -3.73
CA ASN A 349 -5.78 2.95 -3.05
C ASN A 349 -7.30 2.98 -3.03
N ARG A 350 -7.90 2.61 -4.13
CA ARG A 350 -9.36 2.51 -4.17
C ARG A 350 -9.91 1.50 -3.15
N ALA A 351 -9.27 0.34 -3.03
CA ALA A 351 -9.70 -0.68 -2.05
C ALA A 351 -9.57 -0.16 -0.63
N GLN A 352 -8.53 0.62 -0.37
CA GLN A 352 -8.36 1.23 0.90
C GLN A 352 -9.42 2.32 1.19
N TRP A 353 -9.86 3.08 0.18
CA TRP A 353 -10.97 4.02 0.39
C TRP A 353 -12.28 3.25 0.61
N GLU A 354 -12.45 2.10 -0.05
CA GLU A 354 -13.62 1.25 0.18
C GLU A 354 -13.66 0.70 1.63
N ARG A 355 -12.50 0.41 2.21
CA ARG A 355 -12.38 0.07 3.64
C ARG A 355 -12.71 1.22 4.55
N VAL A 356 -12.33 2.45 4.17
CA VAL A 356 -12.73 3.62 4.96
C VAL A 356 -14.28 3.66 4.99
N LEU A 357 -14.92 3.49 3.84
CA LEU A 357 -16.39 3.52 3.77
C LEU A 357 -17.04 2.36 4.55
N GLU A 358 -16.52 1.16 4.38
CA GLU A 358 -17.09 -0.05 5.00
C GLU A 358 -17.07 0.02 6.54
N THR A 359 -16.05 0.68 7.10
CA THR A 359 -15.86 0.79 8.53
C THR A 359 -16.38 2.09 9.13
N ARG A 360 -16.92 2.97 8.29
CA ARG A 360 -17.52 4.20 8.78
C ARG A 360 -18.89 3.90 9.42
N VAL B 28 -23.76 -19.87 1.95
CA VAL B 28 -22.48 -19.90 1.27
C VAL B 28 -22.57 -20.60 -0.08
N THR B 29 -21.82 -20.11 -1.05
CA THR B 29 -21.78 -20.65 -2.39
C THR B 29 -20.96 -21.92 -2.47
N ALA B 30 -21.51 -22.96 -3.05
CA ALA B 30 -20.80 -24.22 -3.16
C ALA B 30 -19.48 -24.14 -3.89
N ILE B 31 -18.61 -25.08 -3.60
CA ILE B 31 -17.30 -25.19 -4.23
C ILE B 31 -17.50 -26.04 -5.49
N THR B 32 -16.87 -25.64 -6.58
CA THR B 32 -16.99 -26.33 -7.86
C THR B 32 -15.87 -27.35 -8.02
N LYS B 33 -16.14 -28.36 -8.85
CA LYS B 33 -15.14 -29.37 -9.22
C LYS B 33 -13.93 -28.74 -9.90
N VAL B 34 -14.11 -27.59 -10.55
CA VAL B 34 -13.01 -26.87 -11.18
C VAL B 34 -12.07 -26.26 -10.12
N GLU B 35 -12.67 -25.68 -9.08
CA GLU B 35 -11.91 -25.12 -7.95
C GLU B 35 -11.10 -26.24 -7.26
N ARG B 36 -11.77 -27.32 -6.88
CA ARG B 36 -11.08 -28.51 -6.30
C ARG B 36 -9.92 -29.01 -7.15
N GLU B 37 -10.16 -29.14 -8.45
CA GLU B 37 -9.16 -29.65 -9.40
C GLU B 37 -7.95 -28.71 -9.52
N ALA B 38 -8.15 -27.40 -9.44
CA ALA B 38 -7.04 -26.42 -9.47
C ALA B 38 -6.06 -26.59 -8.31
N VAL B 39 -6.57 -27.07 -7.17
CA VAL B 39 -5.75 -27.38 -5.99
C VAL B 39 -5.11 -28.77 -6.15
N LEU B 40 -5.91 -29.77 -6.53
CA LEU B 40 -5.45 -31.18 -6.66
C LEU B 40 -4.29 -31.41 -7.62
N VAL B 41 -4.18 -30.57 -8.64
CA VAL B 41 -3.09 -30.62 -9.60
C VAL B 41 -1.75 -30.11 -9.06
N CYS B 42 -1.74 -29.32 -7.98
CA CYS B 42 -0.48 -28.82 -7.38
C CYS B 42 0.23 -29.96 -6.65
N GLU B 43 1.43 -30.29 -7.10
CA GLU B 43 2.15 -31.49 -6.65
C GLU B 43 3.25 -31.23 -5.64
N LEU B 44 3.65 -29.97 -5.47
CA LEU B 44 4.57 -29.56 -4.41
C LEU B 44 5.92 -30.29 -4.45
N PRO B 45 6.54 -30.33 -5.64
CA PRO B 45 7.86 -30.95 -5.76
C PRO B 45 8.92 -30.12 -5.07
N SER B 46 9.82 -30.81 -4.33
CA SER B 46 10.93 -30.23 -3.55
C SER B 46 10.59 -29.84 -2.11
N PHE B 47 9.30 -29.89 -1.74
CA PHE B 47 8.84 -29.37 -0.46
C PHE B 47 8.50 -30.49 0.52
N ASP B 48 9.00 -30.37 1.76
CA ASP B 48 8.51 -31.21 2.85
C ASP B 48 7.68 -30.31 3.79
N VAL B 49 6.35 -30.36 3.62
CA VAL B 49 5.42 -29.54 4.43
C VAL B 49 5.41 -29.85 5.93
N THR B 50 5.90 -31.02 6.34
CA THR B 50 6.00 -31.37 7.74
C THR B 50 7.28 -30.86 8.39
N ASP B 51 8.13 -30.17 7.67
CA ASP B 51 9.45 -29.81 8.21
C ASP B 51 9.45 -28.45 8.86
N VAL B 52 10.23 -28.29 9.94
CA VAL B 52 10.40 -26.98 10.61
C VAL B 52 11.08 -25.87 9.76
N GLU B 53 11.79 -26.27 8.71
CA GLU B 53 12.48 -25.35 7.82
C GLU B 53 11.69 -25.08 6.57
N PHE B 54 10.54 -25.73 6.41
CA PHE B 54 9.65 -25.41 5.31
C PHE B 54 9.48 -23.90 5.10
N ASP B 55 9.51 -23.49 3.83
CA ASP B 55 9.46 -22.10 3.41
C ASP B 55 8.23 -21.83 2.56
N LEU B 56 7.22 -21.19 3.16
CA LEU B 56 5.98 -20.90 2.48
C LEU B 56 6.17 -19.81 1.42
N PHE B 57 7.08 -18.87 1.66
CA PHE B 57 7.38 -17.81 0.68
C PHE B 57 7.97 -18.39 -0.61
N ARG B 58 8.98 -19.26 -0.48
CA ARG B 58 9.52 -20.03 -1.60
C ARG B 58 8.43 -20.87 -2.29
N ALA B 59 7.51 -21.49 -1.54
CA ALA B 59 6.39 -22.22 -2.17
C ALA B 59 5.42 -21.31 -2.94
N ARG B 60 5.28 -20.06 -2.50
CA ARG B 60 4.39 -19.11 -3.16
C ARG B 60 4.96 -18.65 -4.50
N GLU B 61 6.24 -18.31 -4.49
CA GLU B 61 6.98 -17.93 -5.71
C GLU B 61 7.07 -19.05 -6.75
N SER B 62 7.01 -20.31 -6.32
CA SER B 62 7.28 -21.46 -7.20
C SER B 62 6.26 -21.69 -8.32
N THR B 63 5.12 -21.04 -8.25
CA THR B 63 4.09 -21.16 -9.27
C THR B 63 3.46 -19.79 -9.40
N ASP B 64 2.69 -19.58 -10.46
CA ASP B 64 1.92 -18.35 -10.64
C ASP B 64 0.50 -18.50 -10.05
N LYS B 65 0.24 -19.62 -9.36
CA LYS B 65 -1.02 -19.89 -8.68
C LYS B 65 -0.80 -20.06 -7.16
N PRO B 66 -0.27 -19.02 -6.49
CA PRO B 66 0.11 -19.22 -5.09
C PRO B 66 -1.07 -19.60 -4.17
N LEU B 67 -2.26 -19.05 -4.43
CA LEU B 67 -3.44 -19.44 -3.67
C LEU B 67 -3.77 -20.92 -3.76
N ASP B 68 -3.57 -21.52 -4.93
CA ASP B 68 -3.78 -22.97 -5.11
C ASP B 68 -2.71 -23.83 -4.43
N VAL B 69 -1.47 -23.35 -4.42
CA VAL B 69 -0.37 -24.02 -3.74
C VAL B 69 -0.62 -23.99 -2.23
N ALA B 70 -1.03 -22.83 -1.72
CA ALA B 70 -1.34 -22.68 -0.30
C ALA B 70 -2.43 -23.64 0.12
N ALA B 71 -3.49 -23.76 -0.69
CA ALA B 71 -4.56 -24.72 -0.39
C ALA B 71 -4.09 -26.17 -0.42
N ALA B 72 -3.16 -26.45 -1.33
CA ALA B 72 -2.59 -27.77 -1.45
C ALA B 72 -1.75 -28.14 -0.23
N ILE B 73 -1.01 -27.16 0.29
CA ILE B 73 -0.20 -27.33 1.48
C ILE B 73 -1.08 -27.70 2.68
N ALA B 74 -2.17 -26.96 2.86
CA ALA B 74 -3.14 -27.24 3.93
C ALA B 74 -3.76 -28.64 3.79
N TYR B 75 -4.13 -28.98 2.58
CA TYR B 75 -4.78 -30.26 2.25
C TYR B 75 -3.84 -31.45 2.54
N ARG B 76 -2.58 -31.32 2.15
CA ARG B 76 -1.58 -32.35 2.41
C ARG B 76 -1.24 -32.50 3.89
N LEU B 77 -1.10 -31.37 4.58
CA LEU B 77 -0.93 -31.40 6.03
C LEU B 77 -2.02 -32.18 6.68
N LEU B 78 -3.27 -31.86 6.37
CA LEU B 78 -4.37 -32.50 7.04
C LEU B 78 -4.51 -33.98 6.70
N LEU B 79 -4.36 -34.32 5.42
CA LEU B 79 -4.37 -35.71 5.01
C LEU B 79 -3.22 -36.50 5.59
N GLY B 80 -2.02 -35.92 5.56
CA GLY B 80 -0.81 -36.58 6.07
C GLY B 80 -0.89 -36.86 7.57
N SER B 81 -1.65 -36.04 8.30
CA SER B 81 -1.85 -36.28 9.73
C SER B 81 -2.60 -37.58 10.00
N GLY B 82 -3.36 -38.06 9.02
CA GLY B 82 -4.24 -39.22 9.16
C GLY B 82 -5.53 -38.92 9.90
N LEU B 83 -5.73 -37.67 10.32
CA LEU B 83 -6.81 -37.35 11.24
C LEU B 83 -8.22 -37.26 10.58
N PRO B 84 -8.39 -36.53 9.45
CA PRO B 84 -9.73 -36.38 8.88
C PRO B 84 -10.42 -37.73 8.62
N GLN B 85 -9.67 -38.66 8.07
CA GLN B 85 -10.13 -40.02 7.78
C GLN B 85 -10.76 -40.61 9.02
N LYS B 86 -10.05 -40.52 10.14
CA LYS B 86 -10.53 -41.10 11.41
C LYS B 86 -11.81 -40.52 11.94
N PHE B 87 -12.15 -39.28 11.56
CA PHE B 87 -13.37 -38.65 12.08
C PHE B 87 -14.43 -38.50 11.00
N GLY B 88 -14.36 -39.33 9.96
CA GLY B 88 -15.37 -39.36 8.91
C GLY B 88 -15.46 -38.12 8.04
N CYS B 89 -14.34 -37.44 7.87
CA CYS B 89 -14.27 -36.30 7.01
C CYS B 89 -13.56 -36.74 5.73
N SER B 90 -14.31 -36.76 4.63
CA SER B 90 -13.83 -37.22 3.33
C SER B 90 -12.85 -36.21 2.77
N ASP B 91 -12.08 -36.68 1.80
CA ASP B 91 -11.15 -35.84 1.11
C ASP B 91 -11.85 -34.64 0.47
N GLU B 92 -13.02 -34.88 -0.08
CA GLU B 92 -13.78 -33.84 -0.75
C GLU B 92 -14.23 -32.75 0.22
N VAL B 93 -14.80 -33.15 1.35
CA VAL B 93 -15.34 -32.19 2.33
C VAL B 93 -14.20 -31.35 2.90
N LEU B 94 -13.08 -32.01 3.18
CA LEU B 94 -11.88 -31.36 3.66
C LEU B 94 -11.46 -30.27 2.70
N LEU B 95 -11.29 -30.62 1.43
CA LEU B 95 -10.86 -29.65 0.43
C LEU B 95 -11.91 -28.54 0.23
N ASN B 96 -13.20 -28.86 0.30
CA ASN B 96 -14.26 -27.82 0.23
C ASN B 96 -14.06 -26.81 1.35
N PHE B 97 -13.89 -27.34 2.57
CA PHE B 97 -13.66 -26.52 3.73
C PHE B 97 -12.46 -25.60 3.52
N ILE B 98 -11.36 -26.18 3.08
CA ILE B 98 -10.15 -25.39 2.82
C ILE B 98 -10.47 -24.23 1.85
N LEU B 99 -11.24 -24.51 0.80
CA LEU B 99 -11.59 -23.49 -0.23
C LEU B 99 -12.66 -22.49 0.24
N GLN B 100 -13.63 -22.94 1.03
CA GLN B 100 -14.53 -21.99 1.71
C GLN B 100 -13.76 -21.02 2.62
N CYS B 101 -12.76 -21.51 3.35
CA CYS B 101 -11.94 -20.64 4.19
C CYS B 101 -11.20 -19.61 3.34
N ARG B 102 -10.56 -20.11 2.27
CA ARG B 102 -9.76 -19.28 1.39
C ARG B 102 -10.57 -18.11 0.83
N LYS B 103 -11.78 -18.40 0.35
CA LYS B 103 -12.70 -17.35 -0.14
C LYS B 103 -12.85 -16.19 0.84
N LYS B 104 -12.82 -16.47 2.15
CA LYS B 104 -13.10 -15.44 3.14
C LYS B 104 -11.87 -14.67 3.63
N TYR B 105 -10.68 -14.95 3.11
CA TYR B 105 -9.54 -14.12 3.43
C TYR B 105 -9.42 -13.05 2.37
N ARG B 106 -8.86 -11.92 2.78
CA ARG B 106 -8.73 -10.76 1.97
C ARG B 106 -7.31 -10.53 1.51
N ASN B 107 -7.17 -9.59 0.61
CA ASN B 107 -5.90 -9.20 0.07
C ASN B 107 -5.27 -8.11 0.95
N VAL B 108 -4.87 -8.49 2.15
CA VAL B 108 -4.17 -7.58 3.05
C VAL B 108 -2.73 -8.06 3.10
N PRO B 109 -1.81 -7.22 3.59
CA PRO B 109 -0.43 -7.67 3.58
C PRO B 109 -0.11 -8.88 4.48
N TYR B 110 -0.70 -8.95 5.69
CA TYR B 110 -0.33 -10.04 6.65
C TYR B 110 -1.45 -11.02 6.95
N HIS B 111 -2.60 -10.54 7.39
CA HIS B 111 -3.69 -11.43 7.78
C HIS B 111 -4.48 -11.90 6.60
N ASN B 112 -3.77 -12.61 5.72
CA ASN B 112 -4.34 -13.16 4.50
C ASN B 112 -4.31 -14.69 4.64
N PHE B 113 -4.69 -15.40 3.58
CA PHE B 113 -4.73 -16.87 3.60
C PHE B 113 -3.35 -17.51 3.83
N TYR B 114 -2.28 -16.84 3.42
CA TYR B 114 -0.92 -17.42 3.59
C TYR B 114 -0.53 -17.50 5.09
N HIS B 115 -0.99 -16.52 5.86
CA HIS B 115 -0.83 -16.54 7.29
C HIS B 115 -1.49 -17.75 7.95
N VAL B 116 -2.72 -18.08 7.58
CA VAL B 116 -3.41 -19.14 8.29
C VAL B 116 -2.90 -20.50 7.86
N VAL B 117 -2.46 -20.61 6.61
CA VAL B 117 -1.79 -21.85 6.13
C VAL B 117 -0.45 -22.00 6.85
N ASP B 118 0.26 -20.88 7.05
CA ASP B 118 1.47 -20.88 7.83
C ASP B 118 1.22 -21.36 9.26
N VAL B 119 0.17 -20.79 9.90
CA VAL B 119 -0.15 -21.15 11.27
C VAL B 119 -0.49 -22.64 11.33
N CYS B 120 -1.29 -23.10 10.37
CA CYS B 120 -1.61 -24.50 10.29
C CYS B 120 -0.36 -25.40 10.19
N GLN B 121 0.55 -25.03 9.28
CA GLN B 121 1.81 -25.78 9.09
C GLN B 121 2.66 -25.77 10.34
N THR B 122 2.76 -24.60 10.94
CA THR B 122 3.59 -24.44 12.12
C THR B 122 3.05 -25.28 13.29
N ILE B 123 1.74 -25.26 13.47
CA ILE B 123 1.09 -26.08 14.46
C ILE B 123 1.34 -27.56 14.22
N HIS B 124 1.29 -27.99 12.98
CA HIS B 124 1.68 -29.35 12.61
C HIS B 124 3.09 -29.66 13.12
N THR B 125 4.04 -28.76 12.94
CA THR B 125 5.41 -29.00 13.47
C THR B 125 5.44 -29.05 14.99
N PHE B 126 4.68 -28.17 15.65
CA PHE B 126 4.64 -28.20 17.13
C PHE B 126 4.08 -29.52 17.63
N LEU B 127 3.01 -29.99 16.97
CA LEU B 127 2.38 -31.23 17.36
C LEU B 127 3.28 -32.45 17.07
N TYR B 128 3.82 -32.55 15.88
CA TYR B 128 4.49 -33.79 15.47
C TYR B 128 6.04 -33.78 15.60
N ARG B 129 6.69 -32.67 15.27
CA ARG B 129 8.13 -32.50 15.55
C ARG B 129 8.37 -32.14 17.02
N GLY B 130 7.48 -31.34 17.60
CA GLY B 130 7.62 -30.95 18.99
C GLY B 130 6.99 -31.90 20.00
N ASN B 131 6.31 -32.96 19.51
CA ASN B 131 5.71 -34.01 20.33
C ASN B 131 4.59 -33.51 21.22
N VAL B 132 4.01 -32.37 20.90
CA VAL B 132 2.94 -31.85 21.69
C VAL B 132 1.68 -32.71 21.43
N TYR B 133 1.65 -33.47 20.33
CA TYR B 133 0.55 -34.44 20.11
C TYR B 133 0.34 -35.38 21.30
N GLU B 134 1.41 -35.68 22.05
CA GLU B 134 1.32 -36.63 23.18
C GLU B 134 0.46 -36.10 24.30
N LYS B 135 0.28 -34.79 24.35
CA LYS B 135 -0.49 -34.13 25.39
C LYS B 135 -1.98 -34.06 25.03
N LEU B 136 -2.36 -34.38 23.79
CA LEU B 136 -3.73 -34.14 23.28
C LEU B 136 -4.40 -35.40 22.72
N THR B 137 -5.72 -35.45 22.66
CA THR B 137 -6.40 -36.56 21.95
C THR B 137 -6.22 -36.34 20.46
N GLU B 138 -6.53 -37.34 19.66
CA GLU B 138 -6.45 -37.16 18.21
C GLU B 138 -7.46 -36.13 17.74
N LEU B 139 -8.65 -36.10 18.36
CA LEU B 139 -9.68 -35.11 17.98
C LEU B 139 -9.18 -33.69 18.20
N GLU B 140 -8.52 -33.46 19.32
CA GLU B 140 -7.93 -32.15 19.64
C GLU B 140 -6.86 -31.72 18.65
N CYS B 141 -5.98 -32.65 18.24
CA CYS B 141 -5.03 -32.36 17.17
C CYS B 141 -5.77 -31.96 15.85
N PHE B 142 -6.80 -32.72 15.50
CA PHE B 142 -7.62 -32.44 14.33
C PHE B 142 -8.26 -31.05 14.40
N VAL B 143 -8.90 -30.77 15.53
CA VAL B 143 -9.54 -29.46 15.72
C VAL B 143 -8.51 -28.37 15.62
N LEU B 144 -7.30 -28.55 16.19
CA LEU B 144 -6.27 -27.53 16.09
C LEU B 144 -5.84 -27.22 14.65
N LEU B 145 -5.61 -28.24 13.85
CA LEU B 145 -5.15 -28.01 12.47
C LEU B 145 -6.26 -27.32 11.65
N ILE B 146 -7.51 -27.74 11.88
CA ILE B 146 -8.68 -27.07 11.29
C ILE B 146 -8.84 -25.63 11.76
N THR B 147 -8.71 -25.42 13.05
CA THR B 147 -8.90 -24.08 13.62
C THR B 147 -7.88 -23.08 13.11
N ALA B 148 -6.65 -23.53 12.88
CA ALA B 148 -5.65 -22.65 12.24
C ALA B 148 -6.22 -21.95 11.00
N LEU B 149 -7.00 -22.67 10.21
CA LEU B 149 -7.48 -22.12 8.92
C LEU B 149 -8.62 -21.13 9.06
N VAL B 150 -9.40 -21.24 10.14
CA VAL B 150 -10.52 -20.30 10.42
C VAL B 150 -10.20 -19.10 11.31
N HIS B 151 -9.01 -19.06 11.91
CA HIS B 151 -8.82 -18.24 13.11
C HIS B 151 -8.70 -16.75 12.83
N ASP B 152 -8.46 -16.35 11.57
CA ASP B 152 -8.51 -14.93 11.18
C ASP B 152 -9.50 -14.60 10.03
N LEU B 153 -10.53 -15.43 9.82
CA LEU B 153 -11.42 -15.24 8.67
C LEU B 153 -11.93 -13.79 8.53
N ASP B 154 -11.74 -13.24 7.32
CA ASP B 154 -12.28 -11.92 6.94
C ASP B 154 -11.62 -10.78 7.70
N HIS B 155 -10.35 -10.97 8.08
CA HIS B 155 -9.56 -9.89 8.69
C HIS B 155 -9.33 -8.81 7.60
N MET B 156 -9.42 -7.56 7.99
CA MET B 156 -9.40 -6.43 7.08
C MET B 156 -8.09 -5.63 7.22
N GLY B 157 -7.11 -6.26 7.86
CA GLY B 157 -5.88 -5.61 8.32
C GLY B 157 -5.94 -4.59 9.43
N LEU B 158 -7.02 -4.59 10.19
CA LEU B 158 -7.24 -3.62 11.27
C LEU B 158 -7.45 -4.38 12.56
N ASN B 159 -6.85 -3.89 13.62
CA ASN B 159 -6.94 -4.59 14.94
C ASN B 159 -8.16 -4.15 15.71
N ASN B 160 -8.40 -4.82 16.83
CA ASN B 160 -9.60 -4.56 17.64
C ASN B 160 -9.67 -3.13 18.07
N SER B 161 -8.53 -2.61 18.49
CA SER B 161 -8.40 -1.22 18.89
C SER B 161 -8.91 -0.21 17.83
N PHE B 162 -8.60 -0.44 16.56
CA PHE B 162 -9.10 0.43 15.52
C PHE B 162 -10.62 0.59 15.63
N TYR B 163 -11.33 -0.53 15.65
CA TYR B 163 -12.79 -0.55 15.63
C TYR B 163 -13.40 0.14 16.87
N LEU B 164 -12.78 -0.03 18.03
CA LEU B 164 -13.25 0.55 19.28
C LEU B 164 -12.96 2.04 19.32
N LYS B 165 -11.74 2.41 18.98
CA LYS B 165 -11.28 3.79 19.03
C LYS B 165 -11.94 4.69 17.97
N THR B 166 -12.26 4.18 16.79
CA THR B 166 -13.02 4.91 15.78
C THR B 166 -14.56 4.83 15.96
N GLU B 167 -15.07 4.13 16.95
CA GLU B 167 -16.51 3.85 17.08
C GLU B 167 -17.11 3.37 15.76
N SER B 168 -16.44 2.41 15.14
CA SER B 168 -16.93 1.74 13.95
C SER B 168 -18.10 0.81 14.36
N PRO B 169 -19.09 0.55 13.46
CA PRO B 169 -20.27 -0.29 13.80
C PRO B 169 -20.00 -1.60 14.52
N LEU B 170 -19.02 -2.39 14.07
CA LEU B 170 -18.63 -3.65 14.82
C LEU B 170 -18.04 -3.37 16.21
N GLY B 171 -17.32 -2.27 16.34
CA GLY B 171 -16.83 -1.86 17.65
C GLY B 171 -18.00 -1.58 18.58
N ILE B 172 -18.98 -0.85 18.05
CA ILE B 172 -20.15 -0.45 18.84
C ILE B 172 -20.88 -1.69 19.30
N LEU B 173 -21.11 -2.60 18.38
CA LEU B 173 -21.80 -3.85 18.72
C LEU B 173 -21.06 -4.64 19.82
N SER B 174 -19.74 -4.75 19.67
CA SER B 174 -18.91 -5.42 20.70
C SER B 174 -18.99 -4.73 22.07
N SER B 175 -18.88 -3.41 22.11
CA SER B 175 -19.00 -2.66 23.34
C SER B 175 -20.36 -2.96 23.98
N ALA B 176 -21.42 -2.75 23.20
CA ALA B 176 -22.81 -2.94 23.66
C ALA B 176 -23.04 -4.35 24.20
N SER B 177 -22.53 -5.37 23.52
CA SER B 177 -22.73 -6.76 23.94
C SER B 177 -21.74 -7.29 24.96
N GLY B 178 -20.83 -6.45 25.48
CA GLY B 178 -19.92 -6.88 26.55
C GLY B 178 -18.57 -7.53 26.20
N ASN B 179 -18.33 -7.88 24.93
CA ASN B 179 -17.04 -8.46 24.50
C ASN B 179 -16.18 -7.44 23.75
N THR B 180 -14.93 -7.28 24.14
CA THR B 180 -13.98 -6.44 23.40
C THR B 180 -13.27 -7.16 22.22
N SER B 181 -13.43 -8.48 22.10
CA SER B 181 -12.79 -9.24 21.03
C SER B 181 -13.58 -9.16 19.74
N VAL B 182 -13.54 -7.97 19.15
CA VAL B 182 -14.30 -7.66 17.95
C VAL B 182 -13.99 -8.61 16.83
N LEU B 183 -12.71 -8.74 16.48
CA LEU B 183 -12.33 -9.60 15.35
C LEU B 183 -12.58 -11.06 15.65
N GLU B 184 -12.22 -11.49 16.86
CA GLU B 184 -12.22 -12.93 17.14
C GLU B 184 -13.64 -13.51 17.12
N VAL B 185 -14.59 -12.74 17.64
CA VAL B 185 -16.00 -13.12 17.56
C VAL B 185 -16.45 -13.18 16.11
N HIS B 186 -16.05 -12.19 15.33
CA HIS B 186 -16.37 -12.17 13.90
C HIS B 186 -15.77 -13.42 13.22
N HIS B 187 -14.50 -13.74 13.52
CA HIS B 187 -13.90 -14.95 12.89
C HIS B 187 -14.71 -16.19 13.23
N CYS B 188 -15.14 -16.31 14.50
CA CYS B 188 -15.91 -17.49 14.94
C CYS B 188 -17.27 -17.59 14.24
N ASN B 189 -17.94 -16.45 14.10
CA ASN B 189 -19.19 -16.40 13.32
C ASN B 189 -19.03 -16.96 11.94
N LEU B 190 -17.96 -16.56 11.25
CA LEU B 190 -17.74 -17.05 9.89
C LEU B 190 -17.31 -18.51 9.86
N ALA B 191 -16.62 -18.96 10.91
CA ALA B 191 -16.26 -20.38 10.95
C ALA B 191 -17.53 -21.20 11.06
N VAL B 192 -18.39 -20.85 12.03
CA VAL B 192 -19.66 -21.52 12.21
C VAL B 192 -20.49 -21.53 10.90
N GLU B 193 -20.57 -20.43 10.19
CA GLU B 193 -21.24 -20.41 8.87
C GLU B 193 -20.68 -21.40 7.89
N ILE B 194 -19.36 -21.40 7.69
CA ILE B 194 -18.73 -22.38 6.79
C ILE B 194 -19.12 -23.82 7.17
N LEU B 195 -19.11 -24.12 8.48
CA LEU B 195 -19.38 -25.48 8.97
C LEU B 195 -20.87 -25.89 8.97
N SER B 196 -21.78 -24.94 8.74
CA SER B 196 -23.23 -25.21 8.73
C SER B 196 -23.65 -25.89 7.44
N ASP B 197 -22.88 -25.67 6.39
CA ASP B 197 -23.01 -26.39 5.15
C ASP B 197 -22.33 -27.78 5.26
N PRO B 198 -23.12 -28.88 5.21
CA PRO B 198 -22.51 -30.23 5.28
C PRO B 198 -21.45 -30.55 4.22
N GLU B 199 -21.48 -29.87 3.07
CA GLU B 199 -20.47 -30.06 2.04
C GLU B 199 -19.08 -29.54 2.46
N SER B 200 -19.03 -28.65 3.45
CA SER B 200 -17.77 -28.19 4.01
C SER B 200 -17.69 -28.35 5.55
N ASP B 201 -18.52 -29.23 6.13
CA ASP B 201 -18.50 -29.46 7.59
C ASP B 201 -17.52 -30.58 7.89
N VAL B 202 -16.28 -30.20 8.19
CA VAL B 202 -15.25 -31.19 8.57
C VAL B 202 -15.56 -31.92 9.87
N PHE B 203 -16.51 -31.43 10.68
CA PHE B 203 -16.95 -32.11 11.90
C PHE B 203 -18.27 -32.91 11.77
N ASP B 204 -18.78 -33.07 10.55
CA ASP B 204 -20.08 -33.71 10.32
C ASP B 204 -20.08 -35.21 10.69
N GLY B 205 -18.92 -35.86 10.60
CA GLY B 205 -18.75 -37.23 11.10
C GLY B 205 -18.74 -37.41 12.60
N LEU B 206 -18.83 -36.34 13.37
CA LEU B 206 -18.83 -36.42 14.81
C LEU B 206 -20.26 -36.35 15.32
N GLU B 207 -20.48 -36.89 16.51
CA GLU B 207 -21.74 -36.81 17.20
C GLU B 207 -21.50 -36.54 18.65
N GLY B 208 -22.57 -36.16 19.34
CA GLY B 208 -22.60 -36.11 20.79
C GLY B 208 -21.55 -35.20 21.38
N ALA B 209 -20.89 -35.67 22.43
CA ALA B 209 -19.90 -34.91 23.16
C ALA B 209 -18.68 -34.54 22.31
N GLU B 210 -18.31 -35.41 21.36
CA GLU B 210 -17.21 -35.10 20.45
C GLU B 210 -17.50 -33.92 19.53
N ARG B 211 -18.73 -33.84 19.01
CA ARG B 211 -19.09 -32.74 18.12
C ARG B 211 -19.08 -31.42 18.90
N THR B 212 -19.66 -31.45 20.08
CA THR B 212 -19.67 -30.30 20.97
C THR B 212 -18.26 -29.85 21.30
N LEU B 213 -17.41 -30.80 21.67
CA LEU B 213 -16.02 -30.50 22.00
C LEU B 213 -15.33 -29.85 20.81
N ALA B 214 -15.57 -30.34 19.60
CA ALA B 214 -14.90 -29.74 18.44
C ALA B 214 -15.26 -28.29 18.26
N PHE B 215 -16.56 -27.98 18.41
CA PHE B 215 -17.02 -26.62 18.20
C PHE B 215 -16.55 -25.74 19.35
N ARG B 216 -16.70 -26.23 20.59
CA ARG B 216 -16.33 -25.41 21.73
C ARG B 216 -14.82 -25.17 21.80
N SER B 217 -14.02 -26.22 21.53
CA SER B 217 -12.58 -26.04 21.60
C SER B 217 -12.12 -25.10 20.44
N MET B 218 -12.75 -25.21 19.27
CA MET B 218 -12.36 -24.35 18.12
C MET B 218 -12.62 -22.89 18.48
N ILE B 219 -13.80 -22.65 19.04
CA ILE B 219 -14.23 -21.34 19.46
C ILE B 219 -13.37 -20.82 20.59
N ASP B 220 -13.12 -21.63 21.62
CA ASP B 220 -12.22 -21.22 22.70
C ASP B 220 -10.86 -20.82 22.18
N CYS B 221 -10.29 -21.62 21.28
CA CYS B 221 -8.98 -21.30 20.72
C CYS B 221 -8.95 -19.97 19.94
N VAL B 222 -9.93 -19.74 19.10
CA VAL B 222 -9.97 -18.49 18.32
C VAL B 222 -10.13 -17.30 19.23
N LEU B 223 -11.02 -17.39 20.24
CA LEU B 223 -11.17 -16.28 21.21
C LEU B 223 -9.88 -16.01 22.01
N ALA B 224 -9.14 -17.06 22.31
CA ALA B 224 -7.84 -16.91 22.99
C ALA B 224 -6.72 -16.28 22.18
N THR B 225 -6.88 -16.09 20.86
CA THR B 225 -5.85 -15.47 20.02
C THR B 225 -5.88 -13.95 20.09
N ASP B 226 -6.88 -13.40 20.78
CA ASP B 226 -6.93 -11.98 21.04
C ASP B 226 -5.75 -11.64 21.95
N MET B 227 -4.84 -10.79 21.47
CA MET B 227 -3.61 -10.47 22.23
C MET B 227 -3.84 -9.64 23.49
N ALA B 228 -5.01 -9.00 23.61
CA ALA B 228 -5.41 -8.41 24.89
C ALA B 228 -5.52 -9.44 26.01
N LYS B 229 -5.74 -10.72 25.67
CA LYS B 229 -5.81 -11.83 26.62
C LYS B 229 -4.49 -12.62 26.71
N HIS B 230 -3.43 -12.11 26.13
CA HIS B 230 -2.19 -12.82 26.13
C HIS B 230 -1.69 -13.24 27.50
N GLY B 231 -1.58 -12.30 28.41
CA GLY B 231 -1.09 -12.59 29.73
C GLY B 231 -1.93 -13.57 30.48
N SER B 232 -3.22 -13.37 30.49
CA SER B 232 -4.12 -14.23 31.19
C SER B 232 -4.03 -15.68 30.72
N ALA B 233 -4.02 -15.85 29.42
CA ALA B 233 -3.99 -17.17 28.79
C ALA B 233 -2.67 -17.89 29.11
N LEU B 234 -1.57 -17.19 29.02
CA LEU B 234 -0.30 -17.80 29.34
C LEU B 234 -0.21 -18.22 30.78
N GLU B 235 -0.65 -17.35 31.65
CA GLU B 235 -0.65 -17.58 33.06
C GLU B 235 -1.54 -18.74 33.38
N ALA B 236 -2.71 -18.79 32.77
CA ALA B 236 -3.61 -19.91 33.01
C ALA B 236 -2.96 -21.21 32.57
N PHE B 237 -2.31 -21.23 31.42
CA PHE B 237 -1.63 -22.43 30.94
C PHE B 237 -0.57 -22.90 31.94
N LEU B 238 0.27 -21.98 32.39
CA LEU B 238 1.41 -22.31 33.22
C LEU B 238 0.94 -22.82 34.55
N ALA B 239 -0.15 -22.26 35.07
CA ALA B 239 -0.72 -22.71 36.33
C ALA B 239 -1.25 -24.15 36.18
N SER B 240 -2.00 -24.39 35.12
CA SER B 240 -2.51 -25.71 34.81
C SER B 240 -1.39 -26.76 34.56
N ALA B 241 -0.32 -26.39 33.87
CA ALA B 241 0.81 -27.30 33.62
C ALA B 241 1.56 -27.69 34.89
N ALA B 242 1.66 -26.77 35.83
CA ALA B 242 2.35 -27.04 37.09
C ALA B 242 1.54 -27.97 38.00
N ASP B 243 0.25 -28.18 37.70
CA ASP B 243 -0.46 -29.40 38.19
C ASP B 243 -1.53 -29.90 37.19
N GLN B 244 -1.03 -30.61 36.16
CA GLN B 244 -1.85 -31.31 35.12
C GLN B 244 -2.76 -32.37 35.77
N SER B 245 -2.26 -32.97 36.84
CA SER B 245 -3.04 -33.85 37.70
C SER B 245 -3.79 -32.98 38.70
N SER B 246 -4.94 -32.50 38.26
CA SER B 246 -5.84 -31.65 39.06
C SER B 246 -7.12 -31.53 38.24
N ASP B 247 -6.96 -30.98 37.02
CA ASP B 247 -8.01 -30.89 36.00
C ASP B 247 -7.44 -31.15 34.56
N GLU B 248 -7.44 -32.43 34.19
CA GLU B 248 -7.00 -32.93 32.87
C GLU B 248 -7.70 -32.18 31.75
N ALA B 249 -9.02 -32.04 31.84
CA ALA B 249 -9.80 -31.44 30.78
C ALA B 249 -9.39 -29.99 30.56
N ALA B 250 -9.21 -29.28 31.68
CA ALA B 250 -8.75 -27.92 31.62
C ALA B 250 -7.38 -27.80 30.98
N PHE B 251 -6.49 -28.74 31.31
CA PHE B 251 -5.13 -28.73 30.81
C PHE B 251 -5.11 -28.95 29.29
N HIS B 252 -5.86 -29.95 28.83
CA HIS B 252 -6.05 -30.15 27.43
C HIS B 252 -6.52 -28.88 26.70
N ARG B 253 -7.53 -28.20 27.26
CA ARG B 253 -8.12 -27.05 26.59
C ARG B 253 -7.10 -25.90 26.52
N MET B 254 -6.42 -25.66 27.62
CA MET B 254 -5.38 -24.63 27.67
C MET B 254 -4.17 -24.92 26.78
N THR B 255 -3.81 -26.19 26.64
CA THR B 255 -2.72 -26.59 25.74
C THR B 255 -3.11 -26.27 24.32
N MET B 256 -4.36 -26.58 23.93
CA MET B 256 -4.86 -26.19 22.60
C MET B 256 -4.77 -24.67 22.36
N GLU B 257 -5.26 -23.91 23.31
CA GLU B 257 -5.23 -22.46 23.24
C GLU B 257 -3.83 -21.93 23.11
N ILE B 258 -2.92 -22.48 23.90
CA ILE B 258 -1.56 -22.02 23.88
C ILE B 258 -0.84 -22.43 22.57
N ILE B 259 -1.18 -23.57 22.01
CA ILE B 259 -0.55 -23.98 20.76
C ILE B 259 -1.04 -23.10 19.61
N LEU B 260 -2.34 -22.77 19.59
CA LEU B 260 -2.81 -21.90 18.54
C LEU B 260 -2.17 -20.55 18.72
N LYS B 261 -2.12 -20.03 19.95
CA LYS B 261 -1.39 -18.75 20.18
C LYS B 261 0.08 -18.83 19.75
N ALA B 262 0.74 -19.94 20.08
CA ALA B 262 2.15 -20.14 19.69
C ALA B 262 2.35 -20.09 18.17
N GLY B 263 1.46 -20.74 17.42
CA GLY B 263 1.44 -20.66 15.98
C GLY B 263 1.29 -19.25 15.49
N ASP B 264 0.43 -18.48 16.17
CA ASP B 264 0.12 -17.14 15.78
C ASP B 264 1.28 -16.20 15.92
N ILE B 265 2.12 -16.40 16.93
CA ILE B 265 3.30 -15.56 17.10
C ILE B 265 4.59 -16.32 16.78
N SER B 266 4.53 -17.28 15.87
CA SER B 266 5.65 -18.18 15.53
C SER B 266 6.62 -17.62 14.46
N ASN B 267 6.27 -16.47 13.87
CA ASN B 267 7.13 -15.84 12.84
C ASN B 267 8.58 -15.71 13.27
N VAL B 268 8.80 -15.28 14.51
CA VAL B 268 10.17 -15.12 15.01
C VAL B 268 10.88 -16.42 15.33
N THR B 269 10.21 -17.57 15.22
CA THR B 269 10.86 -18.85 15.43
C THR B 269 11.34 -19.50 14.15
N LYS B 270 11.21 -18.83 13.00
CA LYS B 270 11.52 -19.46 11.72
C LYS B 270 12.93 -19.12 11.27
N PRO B 271 13.49 -19.84 10.27
CA PRO B 271 14.76 -19.40 9.63
C PRO B 271 14.78 -17.89 9.32
N PHE B 272 15.88 -17.21 9.65
CA PHE B 272 15.93 -15.74 9.63
C PHE B 272 15.25 -15.08 8.43
N ASP B 273 15.50 -15.60 7.24
CA ASP B 273 15.02 -14.94 6.06
C ASP B 273 13.50 -15.06 5.90
N ILE B 274 12.96 -16.18 6.35
CA ILE B 274 11.53 -16.37 6.46
C ILE B 274 10.96 -15.37 7.48
N SER B 275 11.53 -15.34 8.65
CA SER B 275 11.15 -14.43 9.72
C SER B 275 11.11 -12.97 9.22
N ARG B 276 12.13 -12.58 8.46
CA ARG B 276 12.27 -11.21 7.95
C ARG B 276 11.15 -10.87 7.00
N GLN B 277 10.83 -11.80 6.11
CA GLN B 277 9.74 -11.60 5.19
C GLN B 277 8.38 -11.41 5.87
N TRP B 278 8.12 -12.21 6.89
CA TRP B 278 6.93 -12.03 7.75
C TRP B 278 6.93 -10.67 8.43
N ALA B 279 8.04 -10.28 9.01
CA ALA B 279 8.11 -9.01 9.70
C ALA B 279 7.75 -7.83 8.78
N MET B 280 8.17 -7.93 7.52
CA MET B 280 7.90 -6.88 6.53
C MET B 280 6.42 -6.79 6.25
N ALA B 281 5.80 -7.95 6.08
CA ALA B 281 4.41 -8.01 5.75
C ALA B 281 3.54 -7.46 6.88
N VAL B 282 3.84 -7.82 8.14
CA VAL B 282 3.10 -7.30 9.28
C VAL B 282 3.34 -5.82 9.52
N THR B 283 4.58 -5.38 9.34
CA THR B 283 4.93 -3.97 9.51
C THR B 283 4.14 -3.08 8.53
N GLU B 284 4.04 -3.53 7.29
CA GLU B 284 3.23 -2.84 6.30
C GLU B 284 1.74 -2.81 6.68
N GLU B 285 1.21 -3.89 7.24
CA GLU B 285 -0.23 -3.92 7.62
C GLU B 285 -0.52 -2.93 8.73
N PHE B 286 0.37 -2.89 9.72
CA PHE B 286 0.25 -1.92 10.81
C PHE B 286 0.30 -0.51 10.25
N TYR B 287 1.20 -0.28 9.29
CA TYR B 287 1.36 1.07 8.73
C TYR B 287 0.12 1.53 7.99
N ARG B 288 -0.58 0.59 7.37
CA ARG B 288 -1.83 0.89 6.73
C ARG B 288 -2.92 1.21 7.73
N GLN B 289 -2.95 0.50 8.84
CA GLN B 289 -3.85 0.86 9.91
C GLN B 289 -3.57 2.28 10.33
N GLY B 290 -2.31 2.62 10.56
CA GLY B 290 -1.95 3.98 10.98
C GLY B 290 -2.34 5.06 9.96
N ASP B 291 -2.20 4.75 8.68
CA ASP B 291 -2.68 5.65 7.60
C ASP B 291 -4.17 5.90 7.68
N MET B 292 -4.94 4.83 7.87
CA MET B 292 -6.38 4.94 8.05
C MET B 292 -6.82 5.66 9.33
N GLU B 293 -6.01 5.54 10.39
CA GLU B 293 -6.24 6.32 11.60
C GLU B 293 -6.00 7.82 11.36
N LYS B 294 -4.99 8.14 10.55
CA LYS B 294 -4.75 9.54 10.18
C LYS B 294 -5.95 10.11 9.41
N GLU B 295 -6.42 9.41 8.40
CA GLU B 295 -7.63 9.84 7.66
C GLU B 295 -8.84 10.04 8.59
N ARG B 296 -8.94 9.19 9.62
CA ARG B 296 -10.01 9.27 10.61
C ARG B 296 -9.80 10.38 11.63
N GLY B 297 -8.61 10.98 11.68
CA GLY B 297 -8.26 11.94 12.72
C GLY B 297 -7.98 11.37 14.12
N VAL B 298 -7.93 10.04 14.29
CA VAL B 298 -7.68 9.44 15.63
C VAL B 298 -6.20 9.27 15.86
N GLU B 299 -5.87 8.94 17.10
CA GLU B 299 -4.50 8.74 17.56
C GLU B 299 -3.83 7.57 16.86
N VAL B 300 -2.59 7.78 16.43
CA VAL B 300 -1.76 6.70 15.86
C VAL B 300 -0.59 6.40 16.80
N LEU B 301 -0.47 5.13 17.23
CA LEU B 301 0.67 4.73 18.05
C LEU B 301 1.96 4.76 17.19
N PRO B 302 3.13 4.96 17.83
CA PRO B 302 4.40 5.02 17.05
C PRO B 302 4.62 3.82 16.11
N MET B 303 4.38 2.63 16.65
CA MET B 303 4.45 1.35 15.94
C MET B 303 3.67 1.31 14.63
N PHE B 304 2.56 2.05 14.57
CA PHE B 304 1.68 2.04 13.40
C PHE B 304 1.91 3.25 12.44
N ASP B 305 2.88 4.11 12.76
CA ASP B 305 3.10 5.40 12.09
C ASP B 305 4.34 5.35 11.15
N ARG B 306 4.11 5.26 9.83
CA ARG B 306 5.20 5.32 8.81
C ARG B 306 6.23 6.41 9.00
N SER B 307 5.75 7.60 9.33
CA SER B 307 6.57 8.81 9.38
C SER B 307 7.68 8.74 10.41
N LYS B 308 7.51 7.90 11.43
CA LYS B 308 8.49 7.76 12.49
C LYS B 308 9.27 6.48 12.13
N ASN B 309 9.83 6.41 10.92
CA ASN B 309 10.26 5.13 10.41
C ASN B 309 11.51 4.71 11.16
N MET B 310 11.29 3.85 12.14
CA MET B 310 12.37 3.26 12.90
C MET B 310 12.82 2.00 12.18
N GLU B 311 13.84 1.38 12.74
CA GLU B 311 14.42 0.21 12.09
C GLU B 311 13.47 -1.00 12.24
N LEU B 312 13.28 -1.72 11.13
CA LEU B 312 12.66 -3.06 11.16
C LEU B 312 13.22 -3.95 12.26
N ALA B 313 14.54 -3.97 12.29
CA ALA B 313 15.30 -4.69 13.28
C ALA B 313 14.99 -4.31 14.72
N LYS B 314 14.76 -3.03 14.98
CA LYS B 314 14.43 -2.57 16.34
C LYS B 314 13.07 -3.05 16.83
N GLY B 315 12.11 -3.10 15.92
CA GLY B 315 10.79 -3.63 16.23
C GLY B 315 10.88 -5.10 16.56
N GLN B 316 11.52 -5.88 15.69
CA GLN B 316 11.66 -7.30 15.90
C GLN B 316 12.37 -7.64 17.20
N ILE B 317 13.45 -6.93 17.51
CA ILE B 317 14.18 -7.12 18.76
C ILE B 317 13.30 -6.79 19.96
N GLY B 318 12.54 -5.69 19.86
CA GLY B 318 11.56 -5.35 20.88
C GLY B 318 10.50 -6.42 21.11
N PHE B 319 9.91 -6.90 20.00
CA PHE B 319 8.90 -7.95 20.07
C PHE B 319 9.47 -9.25 20.67
N ILE B 320 10.67 -9.62 20.25
CA ILE B 320 11.37 -10.77 20.80
C ILE B 320 11.52 -10.64 22.31
N ASP B 321 12.03 -9.51 22.76
CA ASP B 321 12.39 -9.32 24.15
C ASP B 321 11.19 -9.25 25.07
N PHE B 322 10.16 -8.54 24.66
CA PHE B 322 9.00 -8.31 25.54
C PHE B 322 7.83 -9.28 25.36
N VAL B 323 7.69 -9.92 24.19
CA VAL B 323 6.57 -10.88 23.94
C VAL B 323 7.03 -12.31 23.66
N ALA B 324 7.74 -12.52 22.56
CA ALA B 324 7.98 -13.85 22.02
C ALA B 324 8.93 -14.72 22.82
N ALA B 325 10.10 -14.17 23.16
CA ALA B 325 11.08 -14.98 23.86
C ALA B 325 10.59 -15.45 25.25
N PRO B 326 10.02 -14.56 26.06
CA PRO B 326 9.43 -15.03 27.35
C PRO B 326 8.32 -16.10 27.20
N PHE B 327 7.46 -15.93 26.19
CA PHE B 327 6.35 -16.85 25.93
C PHE B 327 6.84 -18.23 25.58
N PHE B 328 7.67 -18.31 24.54
CA PHE B 328 8.24 -19.58 24.15
C PHE B 328 9.11 -20.23 25.23
N GLN B 329 9.90 -19.43 25.96
CA GLN B 329 10.74 -19.98 27.01
C GLN B 329 9.90 -20.59 28.12
N LYS B 330 8.88 -19.86 28.54
CA LYS B 330 8.07 -20.32 29.66
C LYS B 330 7.22 -21.57 29.36
N ILE B 331 6.60 -21.64 28.19
CA ILE B 331 5.82 -22.83 27.84
C ILE B 331 6.71 -24.04 27.58
N VAL B 332 7.89 -23.82 26.99
CA VAL B 332 8.84 -24.92 26.79
C VAL B 332 9.30 -25.46 28.15
N ASP B 333 9.71 -24.58 29.06
CA ASP B 333 10.21 -25.01 30.37
C ASP B 333 9.09 -25.64 31.20
N ALA B 334 7.90 -25.05 31.14
CA ALA B 334 6.77 -25.57 31.89
C ALA B 334 6.37 -26.97 31.52
N CYS B 335 6.55 -27.34 30.26
CA CYS B 335 5.77 -28.44 29.73
C CYS B 335 6.21 -28.94 28.36
N LEU B 336 6.42 -28.03 27.41
CA LEU B 336 6.59 -28.39 25.98
C LEU B 336 8.07 -28.49 25.56
N GLN B 337 8.79 -29.41 26.21
CA GLN B 337 10.25 -29.59 26.02
C GLN B 337 10.62 -29.85 24.59
N GLY B 338 9.76 -30.54 23.86
CA GLY B 338 10.03 -30.88 22.48
C GLY B 338 10.08 -29.67 21.58
N MET B 339 9.57 -28.52 22.02
CA MET B 339 9.64 -27.28 21.23
C MET B 339 10.84 -26.38 21.59
N GLN B 340 11.91 -26.97 22.14
CA GLN B 340 13.11 -26.19 22.49
C GLN B 340 13.70 -25.39 21.32
N TRP B 341 13.61 -25.95 20.12
CA TRP B 341 14.15 -25.29 18.92
C TRP B 341 13.55 -23.88 18.67
N THR B 342 12.32 -23.62 19.13
CA THR B 342 11.73 -22.31 18.96
C THR B 342 12.53 -21.26 19.76
N VAL B 343 12.91 -21.62 20.97
CA VAL B 343 13.71 -20.77 21.83
C VAL B 343 15.12 -20.55 21.27
N ASP B 344 15.70 -21.59 20.69
CA ASP B 344 17.01 -21.51 20.04
C ASP B 344 16.97 -20.56 18.83
N ARG B 345 15.96 -20.71 17.99
CA ARG B 345 15.86 -19.90 16.78
C ARG B 345 15.55 -18.42 17.10
N ILE B 346 14.76 -18.17 18.13
CA ILE B 346 14.49 -16.80 18.55
C ILE B 346 15.80 -16.12 18.96
N LYS B 347 16.60 -16.84 19.76
CA LYS B 347 17.93 -16.38 20.18
C LYS B 347 18.76 -16.02 18.96
N SER B 348 18.82 -16.97 18.04
CA SER B 348 19.63 -16.84 16.86
C SER B 348 19.12 -15.72 15.93
N ASN B 349 17.80 -15.57 15.82
CA ASN B 349 17.22 -14.49 15.02
C ASN B 349 17.50 -13.11 15.62
N ARG B 350 17.39 -13.02 16.93
CA ARG B 350 17.68 -11.79 17.59
C ARG B 350 19.12 -11.34 17.35
N ALA B 351 20.06 -12.28 17.43
CA ALA B 351 21.47 -11.97 17.18
C ALA B 351 21.68 -11.49 15.76
N GLN B 352 20.95 -12.09 14.82
CA GLN B 352 21.02 -11.65 13.45
C GLN B 352 20.41 -10.25 13.22
N TRP B 353 19.35 -9.88 13.95
CA TRP B 353 18.84 -8.50 13.90
C TRP B 353 19.85 -7.53 14.51
N GLU B 354 20.55 -7.96 15.56
CA GLU B 354 21.62 -7.13 16.14
C GLU B 354 22.73 -6.86 15.10
N ARG B 355 23.04 -7.85 14.26
CA ARG B 355 23.99 -7.67 13.15
C ARG B 355 23.51 -6.75 12.07
N VAL B 356 22.21 -6.75 11.80
CA VAL B 356 21.65 -5.76 10.87
C VAL B 356 21.89 -4.34 11.43
N LEU B 357 21.62 -4.14 12.71
CA LEU B 357 21.86 -2.85 13.35
C LEU B 357 23.32 -2.40 13.34
N GLU B 358 24.24 -3.31 13.65
CA GLU B 358 25.68 -2.96 13.69
C GLU B 358 26.20 -2.36 12.36
N THR B 359 25.60 -2.72 11.22
CA THR B 359 25.91 -2.07 9.92
C THR B 359 25.46 -0.60 9.89
ZN ZN C . -0.22 20.87 -12.42
MG MG D . -2.19 23.48 -14.63
C FMT E . 22.36 17.28 -29.42
O1 FMT E . 22.26 18.48 -29.14
O2 FMT E . 22.79 16.48 -28.46
C GAI F . -21.13 3.60 4.63
N1 GAI F . -22.25 4.22 4.26
N2 GAI F . -21.13 2.39 4.99
N3 GAI F . -20.00 4.30 4.61
ZN ZN G . -3.44 -14.96 13.22
MG MG H . -6.25 -12.89 14.81
C1 GOL I . -1.08 -40.33 19.48
O1 GOL I . -0.41 -41.58 19.98
C2 GOL I . -1.72 -39.66 20.69
O2 GOL I . -0.91 -39.93 21.85
C3 GOL I . -2.10 -38.19 20.75
O3 GOL I . -2.46 -37.38 19.61
O4 CVA J . -2.21 -8.59 18.12
C26 CVA J . -1.16 -8.68 17.50
N3 CVA J . 0.01 -8.14 17.95
C19 CVA J . 0.17 -7.35 19.18
C25 CVA J . 1.20 -8.04 20.15
C24 CVA J . 1.79 -7.38 21.39
C23 CVA J . 1.40 -5.96 21.62
C22 CVA J . 2.01 -4.98 20.64
C21 CVA J . 1.80 -5.30 19.18
C20 CVA J . 0.43 -5.86 18.82
N2 CVA J . 1.24 -8.27 17.31
C27 CVA J . -1.07 -9.43 16.18
C32 CVA J . 0.30 -10.18 16.08
C31 CVA J . 0.34 -11.45 16.96
C30 CVA J . -1.01 -12.07 17.23
C29 CVA J . -2.17 -11.58 16.81
C28 CVA J . -2.25 -10.39 15.94
C18 CVA J . 1.41 -9.22 16.45
C4 CVA J . 2.74 -9.28 15.83
C3 CVA J . 3.24 -10.47 15.30
C2 CVA J . 4.51 -10.53 14.75
C5 CVA J . 3.55 -8.13 15.76
C6 CVA J . 4.80 -8.15 15.17
C1 CVA J . 5.29 -9.37 14.69
O CVA J . 6.55 -9.33 14.14
C CVA J . 6.88 -10.31 13.14
C7 CVA J . 5.46 -6.84 14.94
C12 CVA J . 4.84 -5.86 14.16
C11 CVA J . 5.32 -4.57 14.10
C10 CVA J . 6.47 -4.21 14.81
C9 CVA J . 7.13 -5.20 15.54
C8 CVA J . 6.64 -6.48 15.60
C13 CVA J . 6.93 -2.78 14.95
O1 CVA J . 7.54 -2.42 15.96
N CVA J . 6.63 -1.92 13.97
C14 CVA J . 7.53 -0.86 13.60
C15 CVA J . 8.67 -1.29 12.70
O2 CVA J . 9.49 -2.13 13.07
N1 CVA J . 8.70 -0.72 11.48
C16 CVA J . 9.92 -0.27 10.84
C17 CVA J . 9.82 -0.28 9.34
O3 CVA J . 10.33 -1.46 8.76
#